data_3CRL
#
_entry.id   3CRL
#
_cell.length_a   71.413
_cell.length_b   121.630
_cell.length_c   71.452
_cell.angle_alpha   90.000
_cell.angle_beta   97.290
_cell.angle_gamma   90.000
#
_symmetry.space_group_name_H-M   'P 1 21 1'
#
loop_
_entity.id
_entity.type
_entity.pdbx_description
1 polymer 'Pyruvate dehydrogenase [lipoamide] kinase isozyme 2, mitochondrial'
2 polymer 'Dihydrolipoyllysine-residue acetyltransferase component of pyruvate dehydrogenase complex, mitochondrial'
3 non-polymer 'MAGNESIUM ION'
4 non-polymer 'POTASSIUM ION'
5 non-polymer 'PHOSPHOAMINOPHOSPHONIC ACID-ADENYLATE ESTER'
6 water water
#
loop_
_entity_poly.entity_id
_entity_poly.type
_entity_poly.pdbx_seq_one_letter_code
_entity_poly.pdbx_strand_id
1 'polypeptide(L)'
;MRWFRALLKNASLAGAPKYIEHFSKFSPSPLSMKQFLDFGSSNACEKTSFTFLRQELPVRLANIMKEINLLPDRVLSTPS
VQLVQSWYVQSLLDIMEFLDKDPEDHRTLSQFTDALVTIRNRHNDVVPTMAQGVLEYKDTYGDDPVSNQNIQYFLDRFYL
SRISIRMLINQHTLIFDGSTNPAHPKHIGSIDPNCSVSDVVKDAYDMAKLLCDKYYMASPDLEIQEVNATNATQPIHMVY
VPSHLYHMLFELFKNAMRATVESHESSLTLPPIKIMVALGEEDLSIKMSDRGGGVPLRKIERLFSYMYSTAPTPQPGTGG
TPLAGFGYGLPISRLYAKYFQGDLQLFSMEGFGTDAVIYLKALSTDSVERLPVYNKSAWRHYQTIQEAGDWCVPSTEPKN
TSTYRVS
;
A,B
2 'polypeptide(L)'
;SYPPHMQVLLPALSPTMTMGTVQRWEKKVGEKLSEGDLLAEIETD(LA2)ATIGFEVQEEGYLAKILVPEGTRDVPLGTP
LCIIVEKEADI
;
C,D
#
loop_
_chem_comp.id
_chem_comp.type
_chem_comp.name
_chem_comp.formula
ANP non-polymer 'PHOSPHOAMINOPHOSPHONIC ACID-ADENYLATE ESTER' 'C10 H17 N6 O12 P3'
K non-polymer 'POTASSIUM ION' 'K 1'
MG non-polymer 'MAGNESIUM ION' 'Mg 2'
#
# COMPACT_ATOMS: atom_id res chain seq x y z
N SER A 12 37.34 9.87 -18.25
CA SER A 12 37.64 11.18 -17.60
C SER A 12 36.61 11.56 -16.52
N LEU A 13 37.10 12.03 -15.38
CA LEU A 13 36.23 12.49 -14.30
C LEU A 13 35.30 13.60 -14.77
N ALA A 14 35.84 14.52 -15.56
CA ALA A 14 35.06 15.65 -16.10
C ALA A 14 33.85 15.20 -16.93
N GLY A 15 33.96 14.04 -17.58
CA GLY A 15 32.90 13.50 -18.41
C GLY A 15 31.92 12.59 -17.69
N ALA A 16 32.00 12.54 -16.36
CA ALA A 16 31.12 11.70 -15.54
C ALA A 16 29.61 11.91 -15.75
N PRO A 17 29.16 13.18 -15.98
CA PRO A 17 27.72 13.40 -16.06
C PRO A 17 27.09 12.80 -17.30
N LYS A 18 27.86 12.71 -18.38
CA LYS A 18 27.37 12.09 -19.61
C LYS A 18 27.38 10.57 -19.52
N TYR A 19 28.36 10.02 -18.81
CA TYR A 19 28.41 8.59 -18.52
C TYR A 19 27.16 8.14 -17.76
N ILE A 20 26.69 9.00 -16.84
CA ILE A 20 25.44 8.74 -16.11
C ILE A 20 24.27 8.71 -17.08
N GLU A 21 24.12 9.78 -17.87
CA GLU A 21 23.03 9.91 -18.82
C GLU A 21 23.02 8.77 -19.85
N HIS A 22 24.19 8.27 -20.22
CA HIS A 22 24.26 7.17 -21.17
C HIS A 22 23.75 5.87 -20.56
N PHE A 23 24.30 5.50 -19.40
CA PHE A 23 23.94 4.25 -18.77
C PHE A 23 22.57 4.29 -18.07
N SER A 24 22.19 5.46 -17.56
CA SER A 24 20.87 5.64 -16.92
C SER A 24 19.73 5.38 -17.89
N LYS A 25 19.99 5.60 -19.18
CA LYS A 25 19.02 5.35 -20.25
C LYS A 25 18.68 3.87 -20.38
N PHE A 26 19.63 3.01 -20.03
CA PHE A 26 19.41 1.57 -20.15
C PHE A 26 18.66 1.03 -18.94
N SER A 27 18.12 -0.18 -19.07
CA SER A 27 17.44 -0.84 -17.98
C SER A 27 18.34 -1.93 -17.39
N PRO A 28 18.45 -1.98 -16.05
CA PRO A 28 19.14 -3.08 -15.38
C PRO A 28 18.53 -4.41 -15.78
N SER A 29 19.27 -5.49 -15.56
CA SER A 29 18.83 -6.81 -15.97
C SER A 29 18.66 -7.74 -14.78
N PRO A 30 17.40 -7.98 -14.36
CA PRO A 30 17.07 -8.82 -13.22
C PRO A 30 17.40 -10.29 -13.48
N LEU A 31 18.17 -10.91 -12.58
CA LEU A 31 18.55 -12.31 -12.73
C LEU A 31 17.81 -13.18 -11.73
N SER A 32 17.41 -14.36 -12.18
CA SER A 32 16.79 -15.33 -11.31
C SER A 32 17.90 -16.05 -10.56
N MET A 33 17.53 -16.73 -9.48
CA MET A 33 18.50 -17.54 -8.77
C MET A 33 18.88 -18.77 -9.57
N LYS A 34 17.94 -19.27 -10.38
CA LYS A 34 18.22 -20.37 -11.29
C LYS A 34 19.39 -20.00 -12.21
N GLN A 35 19.35 -18.78 -12.73
CA GLN A 35 20.40 -18.29 -13.62
C GLN A 35 21.77 -18.22 -12.94
N PHE A 36 21.83 -17.72 -11.71
CA PHE A 36 23.05 -17.72 -10.92
C PHE A 36 23.58 -19.13 -10.73
N LEU A 37 22.66 -20.07 -10.52
CA LEU A 37 22.99 -21.47 -10.22
C LEU A 37 23.45 -22.24 -11.47
N ASP A 38 22.90 -21.87 -12.63
CA ASP A 38 23.24 -22.52 -13.89
C ASP A 38 24.56 -22.00 -14.46
N PHE A 39 24.89 -20.75 -14.12
CA PHE A 39 26.15 -20.14 -14.53
C PHE A 39 27.32 -20.82 -13.82
N GLY A 40 27.27 -20.82 -12.49
CA GLY A 40 28.21 -21.57 -11.68
C GLY A 40 27.88 -23.05 -11.72
N SER A 41 27.51 -23.52 -12.92
CA SER A 41 27.14 -24.90 -13.18
C SER A 41 28.29 -25.87 -12.87
N SER A 42 29.07 -26.20 -13.91
CA SER A 42 30.27 -27.01 -13.73
C SER A 42 31.46 -26.05 -13.71
N ASN A 43 31.96 -25.70 -14.89
CA ASN A 43 33.02 -24.70 -15.03
C ASN A 43 32.48 -23.36 -15.50
N ALA A 44 32.23 -22.46 -14.55
CA ALA A 44 31.70 -21.13 -14.84
C ALA A 44 32.71 -20.32 -15.66
N CYS A 45 32.20 -19.60 -16.66
CA CYS A 45 33.06 -18.86 -17.59
C CYS A 45 33.24 -17.40 -17.18
N GLU A 46 34.46 -17.06 -16.81
CA GLU A 46 34.84 -15.73 -16.36
C GLU A 46 34.66 -14.66 -17.44
N LYS A 47 34.73 -15.08 -18.71
CA LYS A 47 34.54 -14.17 -19.85
C LYS A 47 33.16 -13.53 -19.84
N THR A 48 32.12 -14.36 -19.89
CA THR A 48 30.74 -13.88 -19.94
C THR A 48 30.34 -13.11 -18.68
N SER A 49 30.93 -13.48 -17.55
CA SER A 49 30.74 -12.77 -16.30
C SER A 49 31.41 -11.40 -16.38
N PHE A 50 32.58 -11.36 -17.00
CA PHE A 50 33.29 -10.12 -17.22
C PHE A 50 32.50 -9.22 -18.16
N THR A 51 32.21 -9.70 -19.37
CA THR A 51 31.52 -8.90 -20.39
C THR A 51 30.12 -8.48 -19.96
N PHE A 52 29.54 -9.21 -19.02
CA PHE A 52 28.23 -8.85 -18.46
C PHE A 52 28.37 -7.73 -17.43
N LEU A 53 29.10 -8.01 -16.35
CA LEU A 53 29.27 -7.05 -15.26
C LEU A 53 29.93 -5.77 -15.72
N ARG A 54 30.89 -5.91 -16.64
CA ARG A 54 31.57 -4.77 -17.25
C ARG A 54 30.55 -3.75 -17.77
N GLN A 55 29.37 -4.24 -18.14
CA GLN A 55 28.32 -3.40 -18.67
C GLN A 55 27.17 -3.20 -17.67
N GLU A 56 26.75 -4.28 -17.02
CA GLU A 56 25.59 -4.24 -16.12
C GLU A 56 25.81 -3.35 -14.90
N LEU A 57 27.01 -3.41 -14.34
CA LEU A 57 27.31 -2.63 -13.13
C LEU A 57 27.31 -1.11 -13.38
N PRO A 58 27.92 -0.65 -14.50
CA PRO A 58 27.66 0.73 -14.91
C PRO A 58 26.17 1.08 -14.90
N VAL A 59 25.36 0.18 -15.49
CA VAL A 59 23.91 0.40 -15.63
C VAL A 59 23.26 0.61 -14.27
N ARG A 60 23.45 -0.35 -13.38
CA ARG A 60 22.87 -0.28 -12.03
C ARG A 60 23.38 0.93 -11.27
N LEU A 61 24.68 1.23 -11.38
CA LEU A 61 25.23 2.44 -10.76
C LEU A 61 24.56 3.68 -11.31
N ALA A 62 24.61 3.82 -12.64
CA ALA A 62 24.06 5.00 -13.32
C ALA A 62 22.59 5.23 -13.01
N ASN A 63 21.78 4.17 -12.98
CA ASN A 63 20.34 4.30 -12.70
C ASN A 63 20.07 4.90 -11.33
N ILE A 64 20.72 4.35 -10.31
CA ILE A 64 20.50 4.81 -8.94
C ILE A 64 21.11 6.20 -8.73
N MET A 65 22.27 6.45 -9.33
CA MET A 65 22.95 7.74 -9.20
C MET A 65 22.10 8.86 -9.73
N LYS A 66 21.35 8.58 -10.80
CA LYS A 66 20.41 9.54 -11.37
C LYS A 66 19.29 9.84 -10.38
N GLU A 67 18.97 8.89 -9.51
CA GLU A 67 17.93 9.08 -8.49
C GLU A 67 18.48 9.81 -7.26
N ILE A 68 19.78 9.68 -7.00
CA ILE A 68 20.43 10.42 -5.92
C ILE A 68 20.27 11.93 -6.14
N ASN A 69 20.56 12.38 -7.35
CA ASN A 69 20.45 13.80 -7.67
C ASN A 69 19.01 14.32 -7.84
N LEU A 70 18.03 13.56 -7.37
CA LEU A 70 16.63 13.99 -7.42
C LEU A 70 16.04 14.24 -6.03
N LEU A 71 16.70 13.72 -5.00
CA LEU A 71 16.28 13.99 -3.63
C LEU A 71 16.65 15.43 -3.29
N PRO A 72 15.84 16.09 -2.44
CA PRO A 72 16.04 17.49 -2.06
C PRO A 72 17.50 17.90 -1.79
N ASP A 73 17.87 19.11 -2.24
CA ASP A 73 19.21 19.68 -2.04
C ASP A 73 19.67 19.68 -0.59
N ARG A 74 18.71 19.73 0.31
CA ARG A 74 18.95 19.72 1.75
C ARG A 74 19.59 18.41 2.23
N VAL A 75 19.27 17.31 1.54
CA VAL A 75 19.86 16.00 1.83
C VAL A 75 21.18 15.83 1.07
N LEU A 76 21.25 16.33 -0.15
CA LEU A 76 22.45 16.25 -0.98
C LEU A 76 23.65 16.99 -0.39
N SER A 77 23.38 18.13 0.24
CA SER A 77 24.42 19.02 0.74
C SER A 77 25.21 18.47 1.94
N THR A 78 24.68 17.42 2.57
CA THR A 78 25.30 16.84 3.76
C THR A 78 26.52 15.98 3.41
N PRO A 79 27.59 16.07 4.22
CA PRO A 79 28.85 15.37 3.96
C PRO A 79 28.71 13.89 3.60
N SER A 80 27.81 13.19 4.29
CA SER A 80 27.70 11.73 4.20
C SER A 80 27.05 11.24 2.92
N VAL A 81 25.93 11.85 2.53
CA VAL A 81 25.26 11.54 1.25
C VAL A 81 26.24 11.84 0.10
N GLN A 82 26.98 12.92 0.25
CA GLN A 82 27.94 13.35 -0.76
C GLN A 82 29.21 12.49 -0.76
N LEU A 83 29.51 11.87 0.38
CA LEU A 83 30.63 10.95 0.50
C LEU A 83 30.37 9.68 -0.31
N VAL A 84 29.19 9.08 -0.13
CA VAL A 84 28.79 7.91 -0.91
C VAL A 84 28.56 8.24 -2.39
N GLN A 85 28.05 9.43 -2.68
CA GLN A 85 27.94 9.91 -4.05
C GLN A 85 29.29 9.79 -4.75
N SER A 86 30.35 10.24 -4.08
CA SER A 86 31.70 10.22 -4.64
C SER A 86 32.26 8.81 -4.80
N TRP A 87 31.78 7.88 -3.96
CA TRP A 87 32.12 6.47 -4.10
C TRP A 87 31.49 5.90 -5.36
N TYR A 88 30.21 6.22 -5.58
CA TYR A 88 29.47 5.72 -6.73
C TYR A 88 30.01 6.27 -8.03
N VAL A 89 30.57 7.47 -7.95
CA VAL A 89 31.24 8.09 -9.07
C VAL A 89 32.48 7.27 -9.44
N GLN A 90 33.30 6.96 -8.42
CA GLN A 90 34.55 6.25 -8.63
C GLN A 90 34.36 4.84 -9.15
N SER A 91 33.48 4.09 -8.50
CA SER A 91 33.23 2.73 -8.88
C SER A 91 32.77 2.65 -10.33
N LEU A 92 31.98 3.65 -10.75
CA LEU A 92 31.55 3.77 -12.15
C LEU A 92 32.75 3.89 -13.11
N LEU A 93 33.62 4.87 -12.83
CA LEU A 93 34.81 5.11 -13.65
C LEU A 93 35.78 3.93 -13.63
N ASP A 94 35.98 3.34 -12.46
CA ASP A 94 36.82 2.15 -12.34
C ASP A 94 36.34 1.06 -13.29
N ILE A 95 35.04 0.77 -13.25
CA ILE A 95 34.45 -0.28 -14.09
C ILE A 95 34.48 0.10 -15.56
N MET A 96 34.26 1.38 -15.85
CA MET A 96 34.33 1.88 -17.23
C MET A 96 35.72 1.76 -17.86
N GLU A 97 36.75 1.78 -17.02
CA GLU A 97 38.13 1.62 -17.48
C GLU A 97 38.35 0.23 -18.09
N PHE A 98 37.35 -0.63 -17.99
CA PHE A 98 37.39 -1.98 -18.53
C PHE A 98 36.56 -2.15 -19.81
N LEU A 99 35.74 -1.15 -20.14
CA LEU A 99 34.83 -1.23 -21.28
C LEU A 99 35.50 -1.67 -22.58
N ASP A 100 36.54 -0.96 -22.98
CA ASP A 100 37.26 -1.25 -24.22
C ASP A 100 38.39 -2.26 -24.02
N LYS A 101 38.43 -2.87 -22.84
CA LYS A 101 39.46 -3.86 -22.49
C LYS A 101 39.18 -5.20 -23.20
N ASP A 102 40.24 -6.00 -23.33
CA ASP A 102 40.20 -7.26 -24.08
C ASP A 102 39.93 -8.47 -23.18
N PRO A 103 38.79 -9.16 -23.40
CA PRO A 103 38.57 -10.44 -22.73
C PRO A 103 39.56 -11.49 -23.27
N GLU A 104 39.48 -12.71 -22.76
CA GLU A 104 40.38 -13.79 -23.19
C GLU A 104 41.85 -13.55 -22.79
N ASP A 105 42.16 -12.34 -22.35
CA ASP A 105 43.46 -12.00 -21.79
C ASP A 105 43.38 -12.06 -20.26
N HIS A 106 43.91 -13.14 -19.68
CA HIS A 106 43.82 -13.38 -18.22
C HIS A 106 44.16 -12.18 -17.33
N ARG A 107 45.10 -11.33 -17.77
CA ARG A 107 45.46 -10.13 -17.01
C ARG A 107 44.26 -9.20 -16.80
N THR A 108 43.49 -8.99 -17.87
CA THR A 108 42.31 -8.12 -17.86
C THR A 108 41.23 -8.63 -16.91
N LEU A 109 41.05 -9.96 -16.89
CA LEU A 109 40.08 -10.60 -16.00
C LEU A 109 40.55 -10.54 -14.55
N SER A 110 41.81 -10.90 -14.32
CA SER A 110 42.39 -10.97 -12.98
C SER A 110 42.34 -9.63 -12.26
N GLN A 111 42.64 -8.56 -12.98
CA GLN A 111 42.62 -7.22 -12.38
C GLN A 111 41.20 -6.67 -12.27
N PHE A 112 40.27 -7.24 -13.03
CA PHE A 112 38.85 -6.90 -12.95
C PHE A 112 38.27 -7.33 -11.61
N THR A 113 38.51 -8.57 -11.21
CA THR A 113 37.96 -9.06 -9.94
C THR A 113 38.58 -8.28 -8.78
N ASP A 114 39.86 -7.91 -8.92
CA ASP A 114 40.54 -7.07 -7.96
C ASP A 114 39.86 -5.71 -7.84
N ALA A 115 39.41 -5.17 -8.97
CA ALA A 115 38.66 -3.91 -8.97
C ALA A 115 37.33 -4.07 -8.24
N LEU A 116 36.70 -5.24 -8.39
CA LEU A 116 35.46 -5.54 -7.70
C LEU A 116 35.67 -5.66 -6.19
N VAL A 117 36.79 -6.26 -5.79
CA VAL A 117 37.18 -6.33 -4.37
C VAL A 117 37.33 -4.93 -3.80
N THR A 118 38.06 -4.08 -4.52
CA THR A 118 38.29 -2.68 -4.13
C THR A 118 36.97 -1.92 -3.97
N ILE A 119 36.08 -2.11 -4.93
CA ILE A 119 34.76 -1.47 -4.91
C ILE A 119 33.92 -1.99 -3.75
N ARG A 120 34.03 -3.28 -3.45
CA ARG A 120 33.30 -3.86 -2.32
C ARG A 120 33.79 -3.32 -0.97
N ASN A 121 35.09 -3.08 -0.87
CA ASN A 121 35.67 -2.49 0.34
C ASN A 121 35.36 -1.00 0.47
N ARG A 122 35.42 -0.28 -0.65
CA ARG A 122 35.05 1.13 -0.71
C ARG A 122 33.64 1.34 -0.19
N HIS A 123 32.76 0.38 -0.52
CA HIS A 123 31.34 0.50 -0.25
C HIS A 123 30.89 -0.27 1.00
N ASN A 124 31.83 -0.80 1.77
CA ASN A 124 31.50 -1.57 2.97
C ASN A 124 30.55 -0.87 3.92
N ASP A 125 30.78 0.43 4.12
CA ASP A 125 30.03 1.20 5.11
C ASP A 125 29.03 2.16 4.47
N VAL A 126 28.39 1.74 3.39
CA VAL A 126 27.36 2.55 2.73
C VAL A 126 26.12 2.71 3.62
N VAL A 127 25.74 1.64 4.31
CA VAL A 127 24.50 1.63 5.07
C VAL A 127 24.50 2.58 6.28
N PRO A 128 25.54 2.51 7.15
CA PRO A 128 25.59 3.47 8.26
C PRO A 128 25.78 4.93 7.81
N THR A 129 26.42 5.12 6.65
CA THR A 129 26.75 6.44 6.10
C THR A 129 25.52 7.14 5.52
N MET A 130 24.75 6.44 4.70
CA MET A 130 23.49 6.98 4.20
C MET A 130 22.53 7.29 5.33
N ALA A 131 22.61 6.48 6.39
CA ALA A 131 21.83 6.69 7.60
C ALA A 131 22.32 7.91 8.36
N GLN A 132 23.62 8.17 8.28
CA GLN A 132 24.23 9.36 8.89
C GLN A 132 23.77 10.64 8.18
N GLY A 133 23.68 10.58 6.86
CA GLY A 133 23.23 11.71 6.05
C GLY A 133 21.82 12.14 6.38
N VAL A 134 20.91 11.18 6.42
CA VAL A 134 19.50 11.43 6.78
C VAL A 134 19.39 11.94 8.21
N LEU A 135 20.28 11.47 9.08
CA LEU A 135 20.36 11.97 10.46
C LEU A 135 20.83 13.43 10.47
N GLU A 136 21.89 13.71 9.71
CA GLU A 136 22.41 15.07 9.59
C GLU A 136 21.41 15.98 8.89
N TYR A 137 20.50 15.37 8.12
CA TYR A 137 19.39 16.09 7.53
C TYR A 137 18.32 16.40 8.57
N LYS A 138 18.04 15.43 9.44
CA LYS A 138 17.07 15.60 10.54
C LYS A 138 17.57 16.54 11.63
N ASP A 139 18.89 16.69 11.69
CA ASP A 139 19.55 17.63 12.61
C ASP A 139 19.32 19.09 12.21
N THR A 140 18.69 19.31 11.06
CA THR A 140 18.46 20.66 10.55
C THR A 140 16.98 20.88 10.21
N TYR A 141 16.59 20.59 8.97
CA TYR A 141 15.24 20.88 8.46
C TYR A 141 14.13 20.05 9.14
N GLY A 142 14.52 18.93 9.72
CA GLY A 142 13.60 18.10 10.49
C GLY A 142 12.58 17.38 9.64
N ASP A 143 11.35 17.90 9.62
CA ASP A 143 10.23 17.22 8.99
C ASP A 143 9.43 18.08 8.03
N ASP A 144 9.13 17.50 6.86
CA ASP A 144 8.08 17.97 5.97
C ASP A 144 7.68 16.83 5.03
N PRO A 145 6.37 16.55 4.92
CA PRO A 145 5.84 15.36 4.23
C PRO A 145 6.37 15.17 2.81
N VAL A 146 6.53 16.27 2.07
CA VAL A 146 7.02 16.22 0.68
C VAL A 146 8.48 15.73 0.60
N SER A 147 9.30 16.13 1.57
CA SER A 147 10.68 15.66 1.65
C SER A 147 10.74 14.25 2.21
N ASN A 148 9.96 14.00 3.27
CA ASN A 148 9.90 12.70 3.92
C ASN A 148 9.53 11.57 2.96
N GLN A 149 8.51 11.81 2.13
CA GLN A 149 8.03 10.79 1.19
C GLN A 149 9.10 10.44 0.16
N ASN A 150 9.75 11.46 -0.39
CA ASN A 150 10.80 11.27 -1.39
C ASN A 150 11.99 10.47 -0.84
N ILE A 151 12.38 10.77 0.40
CA ILE A 151 13.52 10.10 1.02
C ILE A 151 13.22 8.61 1.19
N GLN A 152 12.03 8.33 1.73
CA GLN A 152 11.57 6.96 1.95
C GLN A 152 11.51 6.19 0.63
N TYR A 153 10.94 6.80 -0.39
CA TYR A 153 10.90 6.23 -1.73
C TYR A 153 12.30 5.98 -2.26
N PHE A 154 13.20 6.93 -2.04
CA PHE A 154 14.58 6.82 -2.49
C PHE A 154 15.36 5.72 -1.79
N LEU A 155 15.20 5.62 -0.48
CA LEU A 155 16.03 4.73 0.33
C LEU A 155 15.77 3.24 0.12
N ASP A 156 14.51 2.86 -0.03
CA ASP A 156 14.14 1.47 -0.35
C ASP A 156 14.76 1.09 -1.67
N ARG A 157 14.78 2.06 -2.58
CA ARG A 157 15.34 1.85 -3.90
C ARG A 157 16.86 1.81 -3.84
N PHE A 158 17.46 2.79 -3.17
CA PHE A 158 18.92 2.86 -3.03
C PHE A 158 19.49 1.63 -2.32
N TYR A 159 18.86 1.23 -1.21
CA TYR A 159 19.37 0.08 -0.46
C TYR A 159 19.19 -1.25 -1.19
N LEU A 160 18.07 -1.40 -1.89
CA LEU A 160 17.81 -2.61 -2.62
C LEU A 160 18.81 -2.71 -3.76
N SER A 161 19.11 -1.57 -4.35
CA SER A 161 20.09 -1.49 -5.43
C SER A 161 21.45 -1.95 -4.93
N ARG A 162 21.86 -1.47 -3.75
CA ARG A 162 23.16 -1.84 -3.18
C ARG A 162 23.28 -3.35 -2.98
N ILE A 163 22.24 -3.94 -2.37
CA ILE A 163 22.16 -5.39 -2.17
C ILE A 163 22.42 -6.13 -3.48
N SER A 164 21.87 -5.61 -4.57
CA SER A 164 22.02 -6.23 -5.88
C SER A 164 23.43 -6.06 -6.42
N ILE A 165 24.01 -4.88 -6.25
CA ILE A 165 25.40 -4.65 -6.67
C ILE A 165 26.34 -5.49 -5.83
N ARG A 166 26.07 -5.58 -4.54
CA ARG A 166 26.88 -6.42 -3.69
C ARG A 166 26.69 -7.91 -4.02
N MET A 167 25.51 -8.26 -4.52
CA MET A 167 25.21 -9.63 -4.97
C MET A 167 26.08 -10.03 -6.17
N LEU A 168 26.09 -9.19 -7.19
CA LEU A 168 26.86 -9.46 -8.41
C LEU A 168 28.36 -9.52 -8.16
N ILE A 169 28.86 -8.55 -7.39
CA ILE A 169 30.26 -8.53 -6.98
C ILE A 169 30.61 -9.77 -6.15
N ASN A 170 29.73 -10.15 -5.21
CA ASN A 170 29.96 -11.32 -4.38
C ASN A 170 29.93 -12.64 -5.16
N GLN A 171 29.06 -12.73 -6.16
CA GLN A 171 29.01 -13.90 -7.02
C GLN A 171 30.32 -14.05 -7.78
N HIS A 172 30.75 -12.98 -8.44
CA HIS A 172 31.96 -12.99 -9.24
C HIS A 172 33.18 -13.37 -8.43
N THR A 173 33.47 -12.61 -7.38
CA THR A 173 34.68 -12.78 -6.58
C THR A 173 34.76 -14.15 -5.90
N LEU A 174 33.67 -14.57 -5.27
CA LEU A 174 33.60 -15.90 -4.66
C LEU A 174 33.93 -17.00 -5.68
N ILE A 175 33.38 -16.90 -6.88
CA ILE A 175 33.62 -17.89 -7.95
C ILE A 175 35.03 -17.78 -8.54
N PHE A 176 35.47 -16.57 -8.87
CA PHE A 176 36.64 -16.37 -9.71
C PHE A 176 37.90 -15.82 -9.00
N ASP A 177 37.86 -15.76 -7.68
CA ASP A 177 38.99 -15.24 -6.91
C ASP A 177 39.31 -16.10 -5.69
N GLY A 178 40.60 -16.28 -5.45
CA GLY A 178 41.08 -17.03 -4.29
C GLY A 178 40.60 -18.47 -4.30
N SER A 179 41.22 -19.28 -5.14
CA SER A 179 40.87 -20.69 -5.30
C SER A 179 41.14 -21.51 -4.03
N THR A 180 42.29 -21.26 -3.34
CA THR A 180 42.57 -21.84 -2.03
C THR A 180 41.49 -21.38 -1.04
N ASN A 181 41.06 -22.28 -0.16
CA ASN A 181 39.68 -22.27 0.36
C ASN A 181 39.30 -21.54 1.66
N PRO A 182 38.52 -20.44 1.53
CA PRO A 182 37.59 -20.05 2.58
C PRO A 182 36.18 -20.55 2.24
N ALA A 183 35.16 -19.66 2.32
CA ALA A 183 34.01 -20.02 1.50
C ALA A 183 33.40 -21.35 1.96
N HIS A 184 32.86 -22.12 1.18
CA HIS A 184 32.48 -23.39 1.71
C HIS A 184 33.20 -24.59 1.13
N PRO A 185 32.74 -25.11 0.00
CA PRO A 185 31.90 -24.35 -0.89
C PRO A 185 31.22 -25.37 -1.77
N LYS A 186 30.26 -26.04 -1.17
CA LYS A 186 29.05 -26.54 -1.81
C LYS A 186 28.17 -25.39 -2.32
N HIS A 187 28.54 -24.16 -1.93
CA HIS A 187 27.86 -22.98 -2.44
C HIS A 187 28.33 -22.60 -3.84
N ILE A 188 27.42 -22.01 -4.63
CA ILE A 188 27.72 -21.49 -5.96
C ILE A 188 27.82 -19.97 -5.81
N GLY A 189 28.99 -19.51 -5.39
CA GLY A 189 29.17 -18.13 -4.95
C GLY A 189 28.69 -18.03 -3.51
N SER A 190 27.69 -17.18 -3.29
CA SER A 190 27.08 -17.02 -1.98
C SER A 190 25.76 -17.79 -1.89
N ILE A 191 25.40 -18.47 -2.98
CA ILE A 191 24.14 -19.23 -3.03
C ILE A 191 24.33 -20.68 -2.64
N ASP A 192 23.50 -21.11 -1.68
CA ASP A 192 23.44 -22.50 -1.24
C ASP A 192 22.26 -23.19 -1.94
N PRO A 193 22.55 -24.17 -2.81
CA PRO A 193 21.48 -24.85 -3.56
C PRO A 193 20.59 -25.73 -2.66
N ASN A 194 21.13 -26.16 -1.53
CA ASN A 194 20.40 -26.99 -0.57
C ASN A 194 20.45 -26.40 0.85
N CYS A 195 19.82 -25.25 0.99
CA CYS A 195 19.89 -24.47 2.20
C CYS A 195 18.90 -24.94 3.26
N SER A 196 19.44 -25.47 4.35
CA SER A 196 18.64 -25.89 5.48
C SER A 196 18.07 -24.68 6.20
N VAL A 197 16.81 -24.39 5.91
CA VAL A 197 16.11 -23.28 6.52
C VAL A 197 16.17 -23.35 8.04
N SER A 198 15.82 -24.50 8.60
CA SER A 198 15.87 -24.70 10.06
C SER A 198 17.21 -24.30 10.67
N ASP A 199 18.31 -24.82 10.12
CA ASP A 199 19.66 -24.53 10.63
C ASP A 199 19.97 -23.05 10.65
N VAL A 200 19.62 -22.35 9.57
CA VAL A 200 19.80 -20.91 9.50
C VAL A 200 19.03 -20.23 10.64
N VAL A 201 17.82 -20.72 10.89
CA VAL A 201 17.01 -20.24 12.02
C VAL A 201 17.74 -20.47 13.35
N LYS A 202 18.26 -21.67 13.56
CA LYS A 202 18.94 -22.01 14.81
C LYS A 202 20.19 -21.14 14.98
N ASP A 203 20.98 -21.02 13.91
CA ASP A 203 22.15 -20.17 13.91
C ASP A 203 21.81 -18.73 14.26
N ALA A 204 20.82 -18.15 13.58
CA ALA A 204 20.39 -16.79 13.83
C ALA A 204 19.95 -16.61 15.27
N TYR A 205 19.23 -17.60 15.79
CA TYR A 205 18.79 -17.61 17.18
C TYR A 205 19.95 -17.70 18.16
N ASP A 206 20.98 -18.47 17.81
CA ASP A 206 22.13 -18.65 18.70
C ASP A 206 22.89 -17.33 18.91
N MET A 207 23.19 -16.64 17.81
CA MET A 207 23.83 -15.32 17.89
C MET A 207 23.01 -14.31 18.67
N ALA A 208 21.69 -14.29 18.41
CA ALA A 208 20.79 -13.34 19.06
C ALA A 208 20.62 -13.61 20.55
N LYS A 209 20.44 -14.89 20.90
CA LYS A 209 20.36 -15.34 22.28
C LYS A 209 21.65 -15.02 23.03
N LEU A 210 22.77 -15.04 22.31
CA LEU A 210 24.06 -14.69 22.89
C LEU A 210 24.09 -13.20 23.27
N LEU A 211 23.79 -12.34 22.30
CA LEU A 211 23.79 -10.89 22.54
C LEU A 211 22.81 -10.51 23.63
N CYS A 212 21.62 -11.10 23.59
CA CYS A 212 20.56 -10.84 24.56
C CYS A 212 20.94 -11.33 25.96
N ASP A 213 21.50 -12.54 26.02
CA ASP A 213 21.87 -13.20 27.27
C ASP A 213 22.97 -12.43 28.00
N LYS A 214 23.58 -11.45 27.33
CA LYS A 214 24.69 -10.69 27.89
C LYS A 214 24.43 -9.19 28.00
N TYR A 215 23.31 -8.73 27.43
CA TYR A 215 22.91 -7.33 27.47
C TYR A 215 21.67 -7.19 28.35
N TYR A 216 21.11 -8.34 28.74
CA TYR A 216 19.95 -8.43 29.61
C TYR A 216 20.13 -9.51 30.67
N MET A 217 21.15 -10.34 30.47
CA MET A 217 21.38 -11.54 31.29
C MET A 217 20.17 -12.49 31.42
N ALA A 218 19.28 -12.43 30.42
CA ALA A 218 18.14 -13.33 30.34
C ALA A 218 17.67 -13.38 28.89
N SER A 219 17.26 -14.56 28.45
CA SER A 219 16.77 -14.77 27.10
C SER A 219 15.68 -15.83 27.06
N PRO A 220 14.73 -15.69 26.12
CA PRO A 220 13.72 -16.73 25.95
C PRO A 220 14.25 -17.92 25.14
N ASP A 221 13.68 -19.10 25.36
CA ASP A 221 13.99 -20.27 24.53
C ASP A 221 13.43 -20.14 23.09
N LEU A 222 13.80 -21.10 22.25
CA LEU A 222 13.29 -21.24 20.89
C LEU A 222 12.49 -22.52 20.75
N GLU A 223 11.39 -22.45 20.00
CA GLU A 223 10.69 -23.64 19.55
C GLU A 223 10.53 -23.56 18.03
N ILE A 224 10.86 -24.65 17.34
CA ILE A 224 10.67 -24.74 15.89
C ILE A 224 9.67 -25.82 15.56
N GLN A 225 9.00 -25.65 14.43
CA GLN A 225 8.05 -26.61 13.91
C GLN A 225 8.06 -26.40 12.41
N GLU A 226 8.04 -27.48 11.65
CA GLU A 226 8.02 -27.38 10.20
C GLU A 226 6.78 -28.08 9.66
N VAL A 227 6.11 -27.46 8.69
CA VAL A 227 5.05 -28.14 7.94
C VAL A 227 5.38 -28.09 6.45
N ASN A 228 5.74 -29.25 5.90
CA ASN A 228 6.04 -29.38 4.48
C ASN A 228 4.84 -29.99 3.76
N ALA A 229 4.19 -29.20 2.90
CA ALA A 229 2.99 -29.66 2.20
C ALA A 229 3.30 -30.38 0.89
N THR A 230 4.51 -30.15 0.37
CA THR A 230 4.97 -30.84 -0.83
C THR A 230 5.37 -32.28 -0.50
N ASN A 231 6.03 -32.45 0.64
CA ASN A 231 6.58 -33.74 1.08
C ASN A 231 6.49 -33.88 2.60
N ALA A 232 5.38 -34.47 3.07
CA ALA A 232 5.04 -34.48 4.50
C ALA A 232 6.23 -34.67 5.44
N THR A 233 7.10 -35.62 5.15
CA THR A 233 8.23 -35.92 6.04
C THR A 233 9.45 -35.01 5.83
N GLN A 234 9.85 -34.83 4.57
CA GLN A 234 11.10 -34.14 4.20
C GLN A 234 11.36 -32.82 4.92
N PRO A 235 12.55 -32.66 5.53
CA PRO A 235 13.03 -31.38 6.04
C PRO A 235 13.08 -30.30 4.96
N ILE A 236 12.76 -29.07 5.35
CA ILE A 236 12.58 -27.97 4.41
C ILE A 236 13.90 -27.36 3.95
N HIS A 237 14.16 -27.46 2.66
CA HIS A 237 15.33 -26.86 2.04
C HIS A 237 14.94 -26.00 0.83
N MET A 238 15.87 -25.15 0.42
CA MET A 238 15.62 -24.21 -0.68
C MET A 238 16.94 -23.75 -1.33
N VAL A 239 16.84 -23.27 -2.56
CA VAL A 239 17.92 -22.54 -3.20
C VAL A 239 17.90 -21.10 -2.68
N TYR A 240 18.90 -20.72 -1.87
CA TYR A 240 18.97 -19.37 -1.33
C TYR A 240 20.38 -18.88 -0.92
N VAL A 241 20.47 -17.59 -0.58
CA VAL A 241 21.67 -16.98 -0.05
C VAL A 241 21.55 -16.97 1.48
N PRO A 242 22.25 -17.91 2.15
CA PRO A 242 22.07 -18.03 3.61
C PRO A 242 22.26 -16.70 4.35
N SER A 243 23.19 -15.88 3.90
CA SER A 243 23.46 -14.56 4.50
C SER A 243 22.20 -13.70 4.57
N HIS A 244 21.48 -13.62 3.44
CA HIS A 244 20.26 -12.82 3.34
C HIS A 244 19.22 -13.33 4.33
N LEU A 245 19.04 -14.65 4.34
CA LEU A 245 18.09 -15.31 5.22
C LEU A 245 18.47 -15.12 6.69
N TYR A 246 19.75 -15.34 6.99
CA TYR A 246 20.29 -15.15 8.33
C TYR A 246 20.12 -13.71 8.81
N HIS A 247 20.42 -12.75 7.93
CA HIS A 247 20.32 -11.34 8.27
C HIS A 247 18.90 -11.01 8.74
N MET A 248 17.90 -11.43 7.96
CA MET A 248 16.50 -11.18 8.28
C MET A 248 16.12 -11.77 9.63
N LEU A 249 16.31 -13.09 9.77
CA LEU A 249 16.00 -13.80 11.01
C LEU A 249 16.73 -13.24 12.24
N PHE A 250 18.04 -12.98 12.09
CA PHE A 250 18.86 -12.40 13.15
C PHE A 250 18.28 -11.09 13.64
N GLU A 251 17.92 -10.24 12.68
CA GLU A 251 17.34 -8.96 13.00
C GLU A 251 16.01 -9.09 13.74
N LEU A 252 15.17 -10.01 13.27
CA LEU A 252 13.86 -10.23 13.86
C LEU A 252 13.97 -10.83 15.26
N PHE A 253 14.85 -11.81 15.42
CA PHE A 253 15.11 -12.42 16.75
C PHE A 253 15.49 -11.38 17.80
N LYS A 254 16.33 -10.41 17.43
CA LYS A 254 16.73 -9.36 18.34
C LYS A 254 15.52 -8.56 18.82
N ASN A 255 14.68 -8.13 17.88
CA ASN A 255 13.47 -7.40 18.21
C ASN A 255 12.59 -8.21 19.16
N ALA A 256 12.38 -9.47 18.80
CA ALA A 256 11.54 -10.38 19.56
C ALA A 256 12.05 -10.58 20.99
N MET A 257 13.34 -10.88 21.11
CA MET A 257 13.99 -11.07 22.41
C MET A 257 13.91 -9.82 23.28
N ARG A 258 14.24 -8.66 22.71
CA ARG A 258 14.18 -7.40 23.44
C ARG A 258 12.80 -7.19 24.03
N ALA A 259 11.79 -7.18 23.15
CA ALA A 259 10.42 -6.93 23.53
C ALA A 259 9.90 -7.99 24.50
N THR A 260 10.28 -9.25 24.30
CA THR A 260 9.89 -10.33 25.20
C THR A 260 10.45 -10.08 26.60
N VAL A 261 11.74 -9.74 26.66
CA VAL A 261 12.45 -9.48 27.91
C VAL A 261 11.96 -8.20 28.57
N GLU A 262 11.68 -7.18 27.76
CA GLU A 262 11.31 -5.87 28.28
C GLU A 262 9.85 -5.77 28.70
N SER A 263 9.04 -6.73 28.26
CA SER A 263 7.61 -6.75 28.59
C SER A 263 7.34 -7.62 29.81
N HIS A 264 8.22 -8.57 30.06
CA HIS A 264 8.04 -9.45 31.22
C HIS A 264 8.74 -8.91 32.46
N GLU A 265 9.62 -7.93 32.25
CA GLU A 265 10.03 -6.95 33.27
C GLU A 265 10.08 -7.48 34.71
N SER A 266 10.10 -8.80 34.84
CA SER A 266 10.01 -9.53 36.13
C SER A 266 9.66 -11.01 35.88
N SER A 267 10.62 -11.78 35.36
CA SER A 267 10.36 -13.18 35.00
C SER A 267 11.61 -14.06 34.85
N LEU A 268 11.57 -15.26 35.44
CA LEU A 268 12.43 -16.37 35.02
C LEU A 268 11.56 -17.30 34.19
N THR A 269 10.35 -16.81 33.92
CA THR A 269 9.29 -17.55 33.28
C THR A 269 8.94 -16.96 31.90
N LEU A 270 9.99 -16.62 31.14
CA LEU A 270 9.85 -16.01 29.82
C LEU A 270 9.23 -16.98 28.82
N PRO A 271 8.22 -16.50 28.07
CA PRO A 271 7.62 -17.34 27.05
C PRO A 271 8.54 -17.43 25.83
N PRO A 272 8.64 -18.63 25.23
CA PRO A 272 9.56 -18.82 24.11
C PRO A 272 9.14 -18.05 22.87
N ILE A 273 10.11 -17.82 21.99
CA ILE A 273 9.85 -17.40 20.64
C ILE A 273 9.58 -18.66 19.87
N LYS A 274 8.49 -18.68 19.13
CA LYS A 274 8.10 -19.83 18.32
C LYS A 274 8.39 -19.56 16.85
N ILE A 275 8.98 -20.54 16.18
CA ILE A 275 9.20 -20.44 14.75
C ILE A 275 8.32 -21.48 14.06
N MET A 276 7.70 -21.05 12.97
CA MET A 276 6.92 -21.94 12.14
C MET A 276 7.43 -21.82 10.71
N VAL A 277 7.96 -22.91 10.18
CA VAL A 277 8.43 -22.93 8.80
C VAL A 277 7.49 -23.80 7.99
N ALA A 278 6.91 -23.20 6.95
CA ALA A 278 6.01 -23.91 6.07
C ALA A 278 6.49 -23.81 4.63
N LEU A 279 6.25 -24.87 3.86
CA LEU A 279 6.58 -24.89 2.43
C LEU A 279 5.41 -25.47 1.66
N GLY A 280 4.97 -24.72 0.65
CA GLY A 280 3.95 -25.18 -0.27
C GLY A 280 4.50 -25.25 -1.69
N GLU A 281 3.60 -25.21 -2.67
CA GLU A 281 3.98 -25.23 -4.08
C GLU A 281 4.74 -23.98 -4.51
N GLU A 282 4.48 -22.86 -3.85
CA GLU A 282 4.96 -21.59 -4.33
C GLU A 282 5.70 -20.76 -3.26
N ASP A 283 5.24 -20.85 -2.02
CA ASP A 283 5.81 -20.07 -0.93
C ASP A 283 6.65 -20.92 0.02
N LEU A 284 7.73 -20.32 0.48
CA LEU A 284 8.36 -20.77 1.69
C LEU A 284 8.17 -19.65 2.69
N SER A 285 7.49 -19.99 3.78
CA SER A 285 7.07 -19.01 4.77
C SER A 285 7.65 -19.36 6.13
N ILE A 286 8.25 -18.36 6.75
CA ILE A 286 8.80 -18.47 8.09
C ILE A 286 8.07 -17.47 8.97
N LYS A 287 7.32 -17.97 9.96
CA LYS A 287 6.63 -17.14 10.94
C LYS A 287 7.36 -17.17 12.27
N MET A 288 7.62 -15.98 12.82
CA MET A 288 8.27 -15.85 14.10
C MET A 288 7.31 -15.22 15.10
N SER A 289 6.79 -16.03 16.01
CA SER A 289 5.88 -15.53 17.03
C SER A 289 6.62 -15.31 18.33
N ASP A 290 6.35 -14.16 18.94
CA ASP A 290 6.82 -13.86 20.29
C ASP A 290 5.63 -13.29 21.06
N ARG A 291 5.65 -13.44 22.38
CA ARG A 291 4.65 -12.83 23.24
C ARG A 291 5.22 -11.59 23.96
N GLY A 292 5.89 -10.74 23.19
CA GLY A 292 6.55 -9.56 23.73
C GLY A 292 5.69 -8.32 23.89
N GLY A 293 4.38 -8.50 24.00
CA GLY A 293 3.48 -7.40 24.35
C GLY A 293 2.96 -6.56 23.20
N GLY A 294 3.49 -6.79 22.00
CA GLY A 294 2.97 -6.21 20.77
C GLY A 294 3.14 -4.72 20.61
N VAL A 295 2.66 -4.21 19.47
CA VAL A 295 2.72 -2.80 19.10
C VAL A 295 1.36 -2.39 18.55
N PRO A 296 0.82 -1.23 18.99
CA PRO A 296 -0.39 -0.67 18.38
C PRO A 296 -0.27 -0.53 16.87
N LEU A 297 -1.37 -0.79 16.17
CA LEU A 297 -1.40 -0.82 14.70
C LEU A 297 -0.92 0.46 14.02
N ARG A 298 -1.25 1.62 14.57
CA ARG A 298 -0.87 2.87 13.93
C ARG A 298 0.64 3.03 13.94
N LYS A 299 1.30 2.25 14.78
CA LYS A 299 2.75 2.28 14.90
C LYS A 299 3.49 1.27 14.04
N ILE A 300 2.78 0.29 13.48
CA ILE A 300 3.43 -0.74 12.63
C ILE A 300 4.09 -0.13 11.38
N GLU A 301 3.30 0.61 10.60
CA GLU A 301 3.76 1.21 9.35
C GLU A 301 4.95 2.13 9.59
N ARG A 302 5.03 2.67 10.80
CA ARG A 302 6.09 3.55 11.23
C ARG A 302 7.40 2.79 11.43
N LEU A 303 7.32 1.49 11.71
CA LEU A 303 8.51 0.67 12.00
C LEU A 303 9.33 0.38 10.77
N PHE A 304 8.77 0.65 9.59
CA PHE A 304 9.50 0.51 8.33
C PHE A 304 9.85 1.88 7.75
N SER A 305 9.75 2.91 8.58
CA SER A 305 10.16 4.26 8.19
C SER A 305 11.61 4.51 8.59
N TYR A 306 12.38 5.07 7.66
CA TYR A 306 13.79 5.33 7.91
C TYR A 306 13.98 6.54 8.82
N MET A 307 13.13 7.55 8.64
CA MET A 307 13.26 8.81 9.36
C MET A 307 12.72 8.73 10.78
N TYR A 308 11.82 7.78 11.00
CA TYR A 308 11.21 7.61 12.32
C TYR A 308 12.13 6.92 13.34
N SER A 309 12.80 5.85 12.93
CA SER A 309 13.70 5.11 13.83
C SER A 309 15.14 5.66 13.80
N THR A 310 15.25 6.98 13.93
CA THR A 310 16.54 7.67 14.01
C THR A 310 16.33 9.05 14.64
N ALA A 311 17.14 9.37 15.65
CA ALA A 311 17.03 10.63 16.39
C ALA A 311 18.41 11.24 16.68
N PRO A 312 18.51 12.58 16.81
CA PRO A 312 17.46 13.58 16.68
C PRO A 312 17.35 14.14 15.27
N LEU A 323 21.55 -4.75 22.72
CA LEU A 323 20.80 -5.56 21.74
C LEU A 323 20.20 -4.67 20.63
N ALA A 324 19.34 -3.73 21.02
CA ALA A 324 18.76 -2.78 20.08
C ALA A 324 19.74 -1.64 19.78
N GLY A 325 20.27 -1.63 18.56
CA GLY A 325 21.21 -0.60 18.15
C GLY A 325 20.53 0.56 17.46
N PHE A 326 20.68 0.63 16.15
CA PHE A 326 20.20 1.74 15.32
C PHE A 326 18.67 1.84 15.23
N GLY A 327 18.14 1.60 14.03
CA GLY A 327 16.71 1.65 13.75
C GLY A 327 16.38 1.19 12.34
N TYR A 328 17.41 0.72 11.62
CA TYR A 328 17.27 0.34 10.22
C TYR A 328 17.17 -1.17 10.02
N GLY A 329 17.05 -1.90 11.12
CA GLY A 329 16.97 -3.35 11.10
C GLY A 329 15.77 -3.88 10.36
N LEU A 330 14.59 -3.34 10.67
CA LEU A 330 13.37 -3.76 10.01
C LEU A 330 13.28 -3.37 8.53
N PRO A 331 13.42 -2.06 8.21
CA PRO A 331 13.31 -1.66 6.81
C PRO A 331 14.26 -2.42 5.89
N ILE A 332 15.51 -2.59 6.33
CA ILE A 332 16.54 -3.26 5.53
C ILE A 332 16.30 -4.77 5.37
N SER A 333 15.82 -5.43 6.43
CA SER A 333 15.57 -6.87 6.37
C SER A 333 14.44 -7.19 5.43
N ARG A 334 13.48 -6.28 5.36
CA ARG A 334 12.35 -6.40 4.46
C ARG A 334 12.85 -6.28 3.01
N LEU A 335 13.82 -5.40 2.78
CA LEU A 335 14.44 -5.27 1.45
C LEU A 335 15.19 -6.53 1.02
N TYR A 336 15.84 -7.20 1.97
CA TYR A 336 16.41 -8.52 1.67
C TYR A 336 15.30 -9.48 1.24
N ALA A 337 14.23 -9.53 2.03
CA ALA A 337 13.09 -10.40 1.72
C ALA A 337 12.47 -10.07 0.37
N LYS A 338 12.42 -8.80 0.00
CA LYS A 338 11.83 -8.36 -1.26
C LYS A 338 12.73 -8.56 -2.47
N TYR A 339 14.02 -8.75 -2.23
CA TYR A 339 15.00 -8.71 -3.30
C TYR A 339 14.85 -9.86 -4.27
N PHE A 340 14.38 -11.00 -3.77
CA PHE A 340 14.07 -12.13 -4.63
C PHE A 340 12.56 -12.43 -4.64
N GLN A 341 11.79 -11.36 -4.80
CA GLN A 341 10.34 -11.45 -4.95
C GLN A 341 9.62 -11.98 -3.72
N GLY A 342 10.21 -11.78 -2.54
CA GLY A 342 9.54 -12.14 -1.29
C GLY A 342 9.05 -10.91 -0.54
N ASP A 343 8.68 -11.11 0.71
CA ASP A 343 8.22 -10.01 1.56
C ASP A 343 8.48 -10.30 3.04
N LEU A 344 8.38 -9.27 3.87
CA LEU A 344 8.51 -9.41 5.30
C LEU A 344 7.40 -8.64 5.93
N GLN A 345 6.44 -9.35 6.51
CA GLN A 345 5.26 -8.71 7.05
C GLN A 345 5.16 -8.80 8.56
N LEU A 346 4.81 -7.67 9.19
CA LEU A 346 4.67 -7.62 10.64
C LEU A 346 3.21 -7.48 11.02
N PHE A 347 2.77 -8.30 11.97
CA PHE A 347 1.46 -8.08 12.57
C PHE A 347 1.40 -8.48 14.04
N SER A 348 0.99 -7.52 14.88
CA SER A 348 0.91 -7.76 16.32
C SER A 348 -0.50 -7.68 16.82
N MET A 349 -0.64 -7.96 18.11
CA MET A 349 -1.81 -7.58 18.85
C MET A 349 -1.28 -6.86 20.07
N GLU A 350 -1.57 -5.57 20.17
CA GLU A 350 -1.13 -4.79 21.31
C GLU A 350 -1.56 -5.47 22.60
N GLY A 351 -0.61 -5.64 23.51
CA GLY A 351 -0.85 -6.33 24.79
C GLY A 351 -0.63 -7.84 24.81
N PHE A 352 -0.27 -8.42 23.66
CA PHE A 352 -0.06 -9.86 23.60
C PHE A 352 1.31 -10.20 23.07
N GLY A 353 1.54 -9.87 21.81
CA GLY A 353 2.73 -10.31 21.12
C GLY A 353 2.68 -9.91 19.66
N THR A 354 3.55 -10.50 18.86
CA THR A 354 3.75 -10.09 17.50
C THR A 354 4.14 -11.29 16.65
N ASP A 355 3.58 -11.34 15.46
CA ASP A 355 4.05 -12.26 14.45
C ASP A 355 4.80 -11.48 13.40
N ALA A 356 5.94 -12.04 13.00
CA ALA A 356 6.73 -11.52 11.89
C ALA A 356 6.90 -12.64 10.85
N VAL A 357 6.48 -12.38 9.61
CA VAL A 357 6.57 -13.38 8.58
C VAL A 357 7.52 -13.00 7.46
N ILE A 358 8.45 -13.91 7.16
CA ILE A 358 9.29 -13.79 6.00
C ILE A 358 8.68 -14.68 4.93
N TYR A 359 8.54 -14.12 3.73
CA TYR A 359 7.95 -14.86 2.64
C TYR A 359 8.95 -14.97 1.53
N LEU A 360 9.28 -16.21 1.16
CA LEU A 360 10.23 -16.42 0.06
C LEU A 360 9.64 -17.33 -0.98
N LYS A 361 9.92 -17.04 -2.24
CA LYS A 361 9.52 -17.93 -3.33
C LYS A 361 10.19 -19.28 -3.14
N ALA A 362 9.46 -20.35 -3.42
CA ALA A 362 9.93 -21.72 -3.18
C ALA A 362 10.72 -22.28 -4.35
N LEU A 363 10.76 -21.53 -5.44
CA LEU A 363 11.33 -22.01 -6.69
C LEU A 363 12.34 -21.02 -7.20
N SER A 364 13.51 -21.53 -7.58
CA SER A 364 14.61 -20.71 -8.02
C SER A 364 14.29 -20.01 -9.33
N THR A 365 13.20 -20.44 -9.96
CA THR A 365 12.71 -19.84 -11.19
C THR A 365 11.93 -18.57 -10.89
N ASP A 366 11.29 -18.56 -9.71
CA ASP A 366 10.46 -17.44 -9.27
C ASP A 366 11.26 -16.40 -8.47
N SER A 367 12.41 -16.82 -7.94
CA SER A 367 13.29 -15.93 -7.18
C SER A 367 14.09 -15.03 -8.13
N VAL A 368 13.43 -13.99 -8.61
CA VAL A 368 14.01 -13.05 -9.56
C VAL A 368 14.38 -11.76 -8.84
N GLU A 369 15.47 -11.15 -9.29
CA GLU A 369 15.95 -9.89 -8.74
C GLU A 369 14.90 -8.80 -8.76
N ARG A 370 14.77 -8.12 -7.64
CA ARG A 370 13.90 -6.96 -7.52
C ARG A 370 14.73 -5.69 -7.61
N LEU A 371 14.75 -5.07 -8.78
CA LEU A 371 15.64 -3.91 -9.04
C LEU A 371 14.89 -2.64 -9.43
N PRO A 372 15.31 -1.49 -8.87
CA PRO A 372 14.75 -0.23 -9.33
C PRO A 372 15.29 0.17 -10.71
N VAL A 373 14.40 0.57 -11.62
CA VAL A 373 14.80 1.23 -12.87
C VAL A 373 14.51 2.72 -12.76
N TYR A 374 15.49 3.54 -13.13
CA TYR A 374 15.22 4.96 -13.28
C TYR A 374 14.59 5.15 -14.64
N ASN A 375 13.47 5.87 -14.69
CA ASN A 375 12.81 6.23 -15.95
C ASN A 375 11.90 7.42 -15.69
N LYS A 376 11.15 7.85 -16.71
CA LYS A 376 10.20 8.95 -16.55
C LYS A 376 9.22 8.66 -15.40
N SER A 377 8.82 7.39 -15.31
CA SER A 377 7.95 6.91 -14.24
C SER A 377 8.58 7.07 -12.87
N ALA A 378 9.90 6.86 -12.78
CA ALA A 378 10.62 7.03 -11.53
C ALA A 378 10.82 8.51 -11.23
N TRP A 379 11.00 9.30 -12.29
CA TRP A 379 11.22 10.74 -12.17
C TRP A 379 10.05 11.47 -11.48
N ARG A 380 8.83 11.15 -11.87
CA ARG A 380 7.66 11.86 -11.35
C ARG A 380 7.35 11.57 -9.87
N HIS A 381 7.87 10.45 -9.35
CA HIS A 381 7.72 10.11 -7.92
C HIS A 381 8.44 11.10 -7.01
N TYR A 382 9.45 11.77 -7.54
CA TYR A 382 10.16 12.82 -6.78
C TYR A 382 9.51 14.17 -7.01
N GLN A 383 8.70 14.27 -8.05
CA GLN A 383 8.15 15.54 -8.49
C GLN A 383 6.66 15.68 -8.18
N THR A 384 6.30 15.35 -6.95
CA THR A 384 4.93 15.55 -6.46
C THR A 384 4.92 16.57 -5.31
N ILE A 385 3.72 17.04 -4.96
CA ILE A 385 3.55 18.07 -3.92
C ILE A 385 2.35 17.77 -3.00
N GLN A 386 2.19 18.59 -1.96
CA GLN A 386 1.14 18.41 -0.96
C GLN A 386 -0.27 18.52 -1.56
N GLU A 387 -1.02 17.43 -1.49
CA GLU A 387 -2.40 17.41 -1.93
C GLU A 387 -3.31 17.36 -0.71
N ALA A 388 -4.58 17.69 -0.91
CA ALA A 388 -5.61 17.39 0.08
C ALA A 388 -5.83 15.88 0.08
N GLY A 389 -6.31 15.35 1.21
CA GLY A 389 -6.66 13.94 1.27
C GLY A 389 -8.00 13.69 0.63
N ASP A 390 -8.15 12.54 -0.01
CA ASP A 390 -9.43 12.12 -0.59
C ASP A 390 -10.37 11.50 0.46
N TRP A 391 -9.94 11.56 1.73
CA TRP A 391 -10.74 11.11 2.86
C TRP A 391 -10.91 12.25 3.87
N CYS A 392 -11.98 12.19 4.66
CA CYS A 392 -12.28 13.22 5.66
C CYS A 392 -11.36 13.12 6.86
N VAL A 393 -10.65 14.20 7.14
CA VAL A 393 -9.91 14.33 8.39
C VAL A 393 -10.88 14.98 9.36
N PRO A 394 -11.08 14.38 10.55
CA PRO A 394 -11.97 14.95 11.57
C PRO A 394 -11.41 16.20 12.25
N SER A 395 -12.25 16.89 13.00
CA SER A 395 -11.82 18.08 13.72
C SER A 395 -10.99 17.70 14.94
N THR A 396 -10.01 18.54 15.24
CA THR A 396 -9.13 18.33 16.40
C THR A 396 -9.89 18.64 17.70
N GLU A 397 -10.96 19.42 17.59
CA GLU A 397 -11.83 19.73 18.71
C GLU A 397 -13.28 19.42 18.34
N PRO A 398 -13.65 18.11 18.33
CA PRO A 398 -14.95 17.67 17.81
C PRO A 398 -16.15 18.15 18.63
N LYS A 399 -17.15 18.68 17.92
CA LYS A 399 -18.31 19.32 18.53
C LYS A 399 -18.91 18.52 19.67
N ASN A 400 -19.07 19.17 20.82
CA ASN A 400 -19.76 18.60 21.95
C ASN A 400 -21.20 18.28 21.54
N THR A 401 -21.51 16.99 21.51
CA THR A 401 -22.80 16.51 21.03
C THR A 401 -23.85 16.42 22.15
N SER A 402 -23.39 16.41 23.38
CA SER A 402 -24.27 16.35 24.54
C SER A 402 -24.83 17.72 24.88
N SER B 12 -36.97 19.55 -7.20
CA SER B 12 -37.38 19.30 -8.62
C SER B 12 -36.31 18.55 -9.40
N LEU B 13 -36.71 17.42 -10.00
CA LEU B 13 -35.81 16.51 -10.71
C LEU B 13 -34.90 17.17 -11.75
N ALA B 14 -35.40 18.18 -12.46
CA ALA B 14 -34.61 18.92 -13.43
C ALA B 14 -33.37 19.59 -12.83
N GLY B 15 -33.50 20.09 -11.61
CA GLY B 15 -32.41 20.79 -10.94
C GLY B 15 -31.42 19.88 -10.22
N ALA B 16 -31.64 18.57 -10.31
CA ALA B 16 -30.82 17.58 -9.61
C ALA B 16 -29.30 17.79 -9.75
N PRO B 17 -28.81 18.10 -10.98
CA PRO B 17 -27.36 18.30 -11.17
C PRO B 17 -26.77 19.48 -10.40
N LYS B 18 -27.57 20.50 -10.13
CA LYS B 18 -27.13 21.67 -9.37
C LYS B 18 -27.22 21.46 -7.85
N TYR B 19 -28.13 20.60 -7.41
CA TYR B 19 -28.18 20.18 -6.01
C TYR B 19 -26.93 19.36 -5.67
N ILE B 20 -26.56 18.49 -6.60
CA ILE B 20 -25.35 17.70 -6.48
C ILE B 20 -24.13 18.61 -6.42
N GLU B 21 -24.08 19.58 -7.34
CA GLU B 21 -22.98 20.54 -7.40
C GLU B 21 -22.87 21.37 -6.13
N HIS B 22 -24.02 21.72 -5.54
CA HIS B 22 -24.07 22.46 -4.28
C HIS B 22 -23.53 21.66 -3.10
N PHE B 23 -24.09 20.47 -2.88
CA PHE B 23 -23.75 19.67 -1.69
C PHE B 23 -22.44 18.91 -1.79
N SER B 24 -22.01 18.59 -3.02
CA SER B 24 -20.72 17.93 -3.23
C SER B 24 -19.54 18.86 -2.95
N LYS B 25 -19.77 20.17 -3.06
CA LYS B 25 -18.77 21.18 -2.69
C LYS B 25 -18.47 21.14 -1.19
N PHE B 26 -19.48 20.77 -0.40
CA PHE B 26 -19.32 20.66 1.05
C PHE B 26 -18.53 19.40 1.42
N SER B 27 -17.89 19.42 2.57
CA SER B 27 -17.18 18.27 3.09
C SER B 27 -18.06 17.53 4.09
N PRO B 28 -18.15 16.19 3.96
CA PRO B 28 -18.86 15.37 4.95
C PRO B 28 -18.32 15.56 6.36
N SER B 29 -19.16 15.25 7.35
CA SER B 29 -18.80 15.42 8.75
C SER B 29 -18.67 14.07 9.45
N PRO B 30 -17.44 13.60 9.69
CA PRO B 30 -17.24 12.32 10.39
C PRO B 30 -17.52 12.41 11.89
N LEU B 31 -18.19 11.39 12.42
CA LEU B 31 -18.53 11.37 13.84
C LEU B 31 -17.78 10.28 14.60
N SER B 32 -17.48 10.56 15.86
CA SER B 32 -16.91 9.58 16.75
C SER B 32 -18.03 8.78 17.36
N MET B 33 -17.71 7.57 17.81
CA MET B 33 -18.67 6.74 18.51
C MET B 33 -19.02 7.38 19.85
N LYS B 34 -18.08 8.15 20.38
CA LYS B 34 -18.32 8.96 21.56
C LYS B 34 -19.44 9.97 21.28
N GLN B 35 -19.37 10.64 20.13
CA GLN B 35 -20.40 11.59 19.72
C GLN B 35 -21.78 10.96 19.55
N PHE B 36 -21.86 9.84 18.84
CA PHE B 36 -23.13 9.11 18.71
C PHE B 36 -23.71 8.77 20.07
N LEU B 37 -22.87 8.20 20.93
CA LEU B 37 -23.30 7.68 22.22
C LEU B 37 -23.80 8.80 23.13
N ASP B 38 -22.96 9.84 23.27
CA ASP B 38 -23.29 11.03 24.06
C ASP B 38 -24.55 11.76 23.60
N PHE B 39 -24.87 11.61 22.31
CA PHE B 39 -26.06 12.25 21.74
C PHE B 39 -27.33 11.52 22.16
N GLY B 40 -27.34 10.20 21.99
CA GLY B 40 -28.46 9.37 22.44
C GLY B 40 -28.43 9.21 23.95
N SER B 41 -28.00 10.26 24.65
CA SER B 41 -27.92 10.29 26.12
C SER B 41 -29.24 9.96 26.81
N SER B 42 -30.05 11.01 27.03
CA SER B 42 -31.32 10.86 27.71
C SER B 42 -32.39 11.61 26.91
N ASN B 43 -32.15 12.90 26.67
CA ASN B 43 -32.99 13.71 25.82
C ASN B 43 -32.34 13.89 24.47
N ALA B 44 -32.03 12.76 23.80
CA ALA B 44 -31.57 12.79 22.43
C ALA B 44 -32.48 13.74 21.67
N CYS B 45 -31.94 14.90 21.29
CA CYS B 45 -32.74 15.97 20.71
C CYS B 45 -33.05 15.71 19.23
N GLU B 46 -34.25 15.20 18.97
CA GLU B 46 -34.72 14.91 17.61
C GLU B 46 -34.58 16.11 16.68
N LYS B 47 -34.84 17.30 17.22
CA LYS B 47 -34.70 18.54 16.47
C LYS B 47 -33.28 18.70 15.94
N THR B 48 -32.28 18.47 16.80
CA THR B 48 -30.87 18.57 16.35
C THR B 48 -30.41 17.39 15.49
N SER B 49 -31.06 16.23 15.62
CA SER B 49 -30.77 15.08 14.76
C SER B 49 -31.36 15.27 13.38
N PHE B 50 -32.58 15.82 13.33
CA PHE B 50 -33.25 16.09 12.07
C PHE B 50 -32.51 17.17 11.27
N THR B 51 -32.23 18.29 11.92
CA THR B 51 -31.55 19.41 11.27
C THR B 51 -30.14 19.07 10.81
N PHE B 52 -29.43 18.25 11.61
CA PHE B 52 -28.14 17.73 11.21
C PHE B 52 -28.27 16.84 9.97
N LEU B 53 -29.04 15.76 10.10
CA LEU B 53 -29.22 14.78 9.01
C LEU B 53 -29.80 15.38 7.75
N ARG B 54 -30.76 16.30 7.93
CA ARG B 54 -31.42 17.00 6.81
C ARG B 54 -30.36 17.64 5.91
N GLN B 55 -29.22 17.95 6.51
CA GLN B 55 -28.13 18.58 5.80
C GLN B 55 -27.04 17.56 5.39
N GLU B 56 -26.61 16.73 6.35
CA GLU B 56 -25.47 15.84 6.18
C GLU B 56 -25.70 14.72 5.17
N LEU B 57 -26.87 14.10 5.21
CA LEU B 57 -27.19 13.02 4.29
C LEU B 57 -27.06 13.48 2.83
N PRO B 58 -27.73 14.60 2.46
CA PRO B 58 -27.49 15.15 1.12
C PRO B 58 -26.01 15.41 0.82
N VAL B 59 -25.23 15.83 1.84
CA VAL B 59 -23.80 16.07 1.65
C VAL B 59 -23.09 14.77 1.32
N ARG B 60 -23.46 13.70 2.01
CA ARG B 60 -22.84 12.40 1.79
C ARG B 60 -23.29 11.81 0.46
N LEU B 61 -24.59 11.94 0.17
CA LEU B 61 -25.12 11.50 -1.12
C LEU B 61 -24.47 12.22 -2.30
N ALA B 62 -24.48 13.55 -2.29
CA ALA B 62 -23.93 14.33 -3.42
C ALA B 62 -22.45 14.06 -3.67
N ASN B 63 -21.66 14.03 -2.60
CA ASN B 63 -20.22 13.73 -2.71
C ASN B 63 -19.92 12.45 -3.48
N ILE B 64 -20.62 11.37 -3.13
CA ILE B 64 -20.37 10.07 -3.75
C ILE B 64 -20.96 9.95 -5.15
N MET B 65 -22.10 10.61 -5.37
CA MET B 65 -22.73 10.64 -6.68
C MET B 65 -21.85 11.37 -7.69
N LYS B 66 -21.14 12.38 -7.20
CA LYS B 66 -20.15 13.08 -7.98
C LYS B 66 -19.07 12.12 -8.48
N GLU B 67 -18.74 11.12 -7.65
CA GLU B 67 -17.76 10.09 -8.01
C GLU B 67 -18.37 8.97 -8.85
N ILE B 68 -19.65 8.68 -8.68
CA ILE B 68 -20.34 7.72 -9.56
C ILE B 68 -20.22 8.21 -11.00
N ASN B 69 -20.40 9.52 -11.20
CA ASN B 69 -20.36 10.12 -12.52
C ASN B 69 -18.94 10.15 -13.15
N LEU B 70 -17.93 9.78 -12.38
CA LEU B 70 -16.54 9.82 -12.86
C LEU B 70 -15.97 8.46 -13.26
N LEU B 71 -16.76 7.40 -13.11
CA LEU B 71 -16.31 6.07 -13.54
C LEU B 71 -16.52 5.89 -15.03
N PRO B 72 -15.70 5.03 -15.67
CA PRO B 72 -15.78 4.80 -17.12
C PRO B 72 -17.20 4.57 -17.60
N ASP B 73 -17.53 5.12 -18.77
CA ASP B 73 -18.88 5.06 -19.32
C ASP B 73 -19.36 3.64 -19.59
N ARG B 74 -18.43 2.72 -19.78
CA ARG B 74 -18.72 1.30 -19.97
C ARG B 74 -19.35 0.67 -18.72
N VAL B 75 -19.01 1.22 -17.55
CA VAL B 75 -19.60 0.78 -16.27
C VAL B 75 -20.91 1.51 -16.01
N LEU B 76 -20.89 2.82 -16.20
CA LEU B 76 -22.04 3.68 -15.94
C LEU B 76 -23.26 3.25 -16.76
N SER B 77 -23.02 2.83 -18.00
CA SER B 77 -24.08 2.44 -18.94
C SER B 77 -24.88 1.21 -18.52
N THR B 78 -24.30 0.38 -17.65
CA THR B 78 -24.92 -0.89 -17.25
C THR B 78 -26.20 -0.65 -16.44
N PRO B 79 -27.25 -1.44 -16.71
CA PRO B 79 -28.55 -1.23 -16.05
C PRO B 79 -28.47 -1.20 -14.53
N SER B 80 -27.65 -2.09 -13.96
CA SER B 80 -27.51 -2.21 -12.50
C SER B 80 -26.93 -0.96 -11.83
N VAL B 81 -25.85 -0.43 -12.39
CA VAL B 81 -25.26 0.80 -11.87
C VAL B 81 -26.32 1.89 -11.81
N GLN B 82 -26.97 2.14 -12.95
CA GLN B 82 -27.98 3.19 -13.07
C GLN B 82 -29.18 2.99 -12.17
N LEU B 83 -29.55 1.73 -11.94
CA LEU B 83 -30.59 1.42 -10.94
C LEU B 83 -30.25 1.97 -9.54
N VAL B 84 -28.99 1.86 -9.08
CA VAL B 84 -28.61 2.47 -7.80
C VAL B 84 -28.45 4.00 -7.94
N GLN B 85 -27.93 4.45 -9.09
CA GLN B 85 -27.88 5.87 -9.42
C GLN B 85 -29.26 6.52 -9.30
N SER B 86 -30.30 5.81 -9.73
CA SER B 86 -31.67 6.30 -9.62
C SER B 86 -32.15 6.32 -8.18
N TRP B 87 -31.68 5.35 -7.39
CA TRP B 87 -31.99 5.30 -5.97
C TRP B 87 -31.39 6.49 -5.20
N TYR B 88 -30.16 6.86 -5.54
CA TYR B 88 -29.46 7.96 -4.88
C TYR B 88 -30.06 9.32 -5.23
N VAL B 89 -30.47 9.46 -6.49
CA VAL B 89 -31.12 10.67 -6.97
C VAL B 89 -32.45 10.90 -6.25
N GLN B 90 -33.26 9.85 -6.13
CA GLN B 90 -34.50 9.95 -5.37
C GLN B 90 -34.27 10.25 -3.90
N SER B 91 -33.31 9.57 -3.29
CA SER B 91 -33.01 9.75 -1.88
C SER B 91 -32.61 11.18 -1.59
N LEU B 92 -31.76 11.72 -2.46
CA LEU B 92 -31.37 13.12 -2.38
C LEU B 92 -32.61 14.00 -2.31
N LEU B 93 -33.52 13.82 -3.27
CA LEU B 93 -34.73 14.64 -3.39
C LEU B 93 -35.69 14.45 -2.21
N ASP B 94 -36.02 13.20 -1.92
CA ASP B 94 -36.88 12.90 -0.77
C ASP B 94 -36.39 13.62 0.49
N ILE B 95 -35.07 13.63 0.71
CA ILE B 95 -34.50 14.40 1.82
C ILE B 95 -34.55 15.91 1.57
N MET B 96 -34.33 16.33 0.33
CA MET B 96 -34.29 17.76 0.01
C MET B 96 -35.61 18.47 0.21
N GLU B 97 -36.70 17.72 0.11
CA GLU B 97 -38.03 18.27 0.40
C GLU B 97 -38.25 18.55 1.90
N PHE B 98 -37.18 18.46 2.68
CA PHE B 98 -37.23 18.73 4.13
C PHE B 98 -36.40 19.95 4.53
N LEU B 99 -35.56 20.43 3.61
CA LEU B 99 -34.61 21.52 3.89
C LEU B 99 -35.25 22.76 4.52
N ASP B 100 -36.39 23.15 3.98
CA ASP B 100 -37.02 24.41 4.38
C ASP B 100 -38.23 24.18 5.29
N LYS B 101 -38.45 22.91 5.65
CA LYS B 101 -39.48 22.52 6.61
C LYS B 101 -39.13 23.01 8.02
N ASP B 102 -40.16 23.12 8.85
CA ASP B 102 -40.05 23.71 10.18
C ASP B 102 -39.84 22.64 11.24
N PRO B 103 -38.72 22.71 11.99
CA PRO B 103 -38.56 21.91 13.20
C PRO B 103 -39.57 22.33 14.28
N GLU B 104 -39.52 21.69 15.44
CA GLU B 104 -40.50 21.94 16.53
C GLU B 104 -41.94 21.57 16.15
N ASP B 105 -42.12 21.08 14.94
CA ASP B 105 -43.37 20.52 14.48
C ASP B 105 -43.20 19.02 14.38
N HIS B 106 -43.95 18.29 15.19
CA HIS B 106 -43.89 16.83 15.20
C HIS B 106 -44.22 16.18 13.86
N ARG B 107 -45.09 16.82 13.07
CA ARG B 107 -45.42 16.36 11.73
C ARG B 107 -44.18 16.27 10.84
N THR B 108 -43.41 17.36 10.83
CA THR B 108 -42.18 17.45 10.04
C THR B 108 -41.14 16.42 10.48
N LEU B 109 -41.03 16.21 11.79
CA LEU B 109 -40.10 15.23 12.34
C LEU B 109 -40.56 13.80 12.07
N SER B 110 -41.83 13.53 12.33
CA SER B 110 -42.41 12.19 12.19
C SER B 110 -42.34 11.67 10.76
N GLN B 111 -42.60 12.53 9.79
CA GLN B 111 -42.57 12.12 8.39
C GLN B 111 -41.14 12.11 7.83
N PHE B 112 -40.21 12.70 8.57
CA PHE B 112 -38.79 12.65 8.23
C PHE B 112 -38.24 11.27 8.48
N THR B 113 -38.61 10.68 9.62
CA THR B 113 -38.12 9.34 9.97
C THR B 113 -38.78 8.31 9.06
N ASP B 114 -40.02 8.58 8.66
CA ASP B 114 -40.73 7.77 7.66
C ASP B 114 -39.98 7.77 6.35
N ALA B 115 -39.54 8.94 5.91
CA ALA B 115 -38.75 9.09 4.69
C ALA B 115 -37.44 8.30 4.74
N LEU B 116 -36.76 8.36 5.89
CA LEU B 116 -35.52 7.59 6.09
C LEU B 116 -35.74 6.08 6.06
N VAL B 117 -36.84 5.63 6.66
CA VAL B 117 -37.25 4.22 6.62
C VAL B 117 -37.43 3.76 5.16
N THR B 118 -38.08 4.60 4.37
CA THR B 118 -38.30 4.31 2.94
C THR B 118 -36.97 4.25 2.18
N ILE B 119 -36.12 5.25 2.39
CA ILE B 119 -34.75 5.27 1.83
C ILE B 119 -33.98 3.98 2.16
N ARG B 120 -34.07 3.53 3.41
CA ARG B 120 -33.38 2.32 3.82
C ARG B 120 -33.94 1.08 3.12
N ASN B 121 -35.26 1.03 2.94
CA ASN B 121 -35.93 -0.05 2.21
C ASN B 121 -35.59 -0.03 0.73
N ARG B 122 -35.45 1.18 0.19
CA ARG B 122 -35.09 1.39 -1.20
C ARG B 122 -33.67 0.92 -1.47
N HIS B 123 -32.75 1.28 -0.57
CA HIS B 123 -31.32 1.00 -0.74
C HIS B 123 -30.90 -0.34 -0.20
N ASN B 124 -31.88 -1.21 0.05
CA ASN B 124 -31.60 -2.44 0.75
C ASN B 124 -30.77 -3.45 -0.07
N ASP B 125 -30.89 -3.38 -1.39
CA ASP B 125 -30.18 -4.27 -2.30
C ASP B 125 -29.02 -3.60 -3.04
N VAL B 126 -28.57 -2.45 -2.55
CA VAL B 126 -27.48 -1.71 -3.21
C VAL B 126 -26.23 -2.57 -3.41
N VAL B 127 -25.85 -3.33 -2.39
CA VAL B 127 -24.64 -4.15 -2.44
C VAL B 127 -24.64 -5.17 -3.60
N PRO B 128 -25.61 -6.10 -3.64
CA PRO B 128 -25.68 -7.06 -4.75
C PRO B 128 -25.86 -6.43 -6.13
N THR B 129 -26.56 -5.28 -6.19
CA THR B 129 -26.86 -4.58 -7.44
C THR B 129 -25.64 -3.88 -8.06
N MET B 130 -24.88 -3.14 -7.25
CA MET B 130 -23.59 -2.59 -7.72
C MET B 130 -22.63 -3.70 -8.15
N ALA B 131 -22.71 -4.85 -7.48
CA ALA B 131 -21.89 -6.01 -7.80
C ALA B 131 -22.28 -6.60 -9.16
N GLN B 132 -23.58 -6.58 -9.47
CA GLN B 132 -24.10 -7.04 -10.75
C GLN B 132 -23.65 -6.15 -11.91
N GLY B 133 -23.55 -4.85 -11.66
CA GLY B 133 -23.09 -3.90 -12.68
C GLY B 133 -21.65 -4.13 -13.10
N VAL B 134 -20.79 -4.42 -12.11
CA VAL B 134 -19.40 -4.81 -12.36
C VAL B 134 -19.35 -6.14 -13.12
N LEU B 135 -20.22 -7.07 -12.74
CA LEU B 135 -20.36 -8.35 -13.45
C LEU B 135 -20.79 -8.12 -14.89
N GLU B 136 -21.76 -7.21 -15.08
CA GLU B 136 -22.22 -6.83 -16.42
C GLU B 136 -21.10 -6.16 -17.20
N TYR B 137 -20.24 -5.41 -16.50
CA TYR B 137 -19.05 -4.85 -17.11
C TYR B 137 -18.05 -5.96 -17.47
N LYS B 138 -17.94 -6.96 -16.59
CA LYS B 138 -17.04 -8.10 -16.82
C LYS B 138 -17.51 -9.03 -17.94
N ASP B 139 -18.81 -9.02 -18.22
CA ASP B 139 -19.39 -9.80 -19.32
C ASP B 139 -19.42 -9.02 -20.64
N THR B 140 -18.45 -8.14 -20.84
CA THR B 140 -18.33 -7.36 -22.08
C THR B 140 -16.87 -6.99 -22.35
N TYR B 141 -16.43 -5.86 -21.80
CA TYR B 141 -15.08 -5.34 -22.01
C TYR B 141 -14.00 -6.14 -21.28
N GLY B 142 -14.42 -6.93 -20.30
CA GLY B 142 -13.52 -7.81 -19.56
C GLY B 142 -12.61 -7.07 -18.61
N ASP B 143 -11.30 -7.18 -18.85
CA ASP B 143 -10.28 -6.55 -18.00
C ASP B 143 -9.55 -5.39 -18.69
N ASP B 144 -9.14 -4.42 -17.89
CA ASP B 144 -8.44 -3.22 -18.33
C ASP B 144 -7.78 -2.60 -17.10
N PRO B 145 -6.42 -2.60 -17.05
CA PRO B 145 -5.62 -2.14 -15.90
C PRO B 145 -6.04 -0.79 -15.31
N VAL B 146 -6.22 0.22 -16.17
CA VAL B 146 -6.64 1.55 -15.75
C VAL B 146 -8.10 1.57 -15.28
N SER B 147 -8.93 0.78 -15.95
CA SER B 147 -10.33 0.65 -15.60
C SER B 147 -10.50 -0.12 -14.29
N ASN B 148 -9.64 -1.12 -14.08
CA ASN B 148 -9.57 -1.88 -12.84
C ASN B 148 -9.34 -0.96 -11.65
N GLN B 149 -8.28 -0.16 -11.73
CA GLN B 149 -7.90 0.78 -10.67
C GLN B 149 -9.05 1.70 -10.28
N ASN B 150 -9.70 2.29 -11.29
CA ASN B 150 -10.80 3.25 -11.08
C ASN B 150 -12.03 2.64 -10.42
N ILE B 151 -12.37 1.41 -10.82
CA ILE B 151 -13.51 0.70 -10.26
C ILE B 151 -13.20 0.33 -8.81
N GLN B 152 -11.97 -0.16 -8.59
CA GLN B 152 -11.49 -0.55 -7.28
C GLN B 152 -11.47 0.64 -6.31
N TYR B 153 -10.87 1.74 -6.74
CA TYR B 153 -10.85 2.97 -5.97
C TYR B 153 -12.26 3.41 -5.63
N PHE B 154 -13.16 3.34 -6.61
CA PHE B 154 -14.54 3.74 -6.43
C PHE B 154 -15.36 2.84 -5.49
N LEU B 155 -15.21 1.53 -5.62
CA LEU B 155 -16.04 0.61 -4.87
C LEU B 155 -15.84 0.67 -3.35
N ASP B 156 -14.57 0.68 -2.90
CA ASP B 156 -14.28 0.83 -1.47
C ASP B 156 -14.93 2.09 -0.92
N ARG B 157 -14.85 3.17 -1.69
CA ARG B 157 -15.41 4.46 -1.30
C ARG B 157 -16.94 4.41 -1.30
N PHE B 158 -17.50 3.97 -2.43
CA PHE B 158 -18.94 3.83 -2.55
C PHE B 158 -19.49 3.02 -1.39
N TYR B 159 -18.97 1.81 -1.19
CA TYR B 159 -19.45 0.95 -0.12
C TYR B 159 -19.25 1.53 1.30
N LEU B 160 -18.14 2.22 1.53
CA LEU B 160 -17.93 2.87 2.83
C LEU B 160 -18.88 4.03 3.03
N SER B 161 -19.07 4.83 1.97
CA SER B 161 -20.08 5.88 1.98
C SER B 161 -21.43 5.29 2.37
N ARG B 162 -21.74 4.12 1.82
CA ARG B 162 -23.02 3.47 2.06
C ARG B 162 -23.21 3.09 3.54
N ILE B 163 -22.20 2.41 4.09
CA ILE B 163 -22.24 1.98 5.49
C ILE B 163 -22.51 3.18 6.40
N SER B 164 -21.83 4.29 6.14
CA SER B 164 -21.99 5.49 6.95
C SER B 164 -23.41 6.06 6.83
N ILE B 165 -23.96 6.07 5.61
CA ILE B 165 -25.34 6.48 5.40
C ILE B 165 -26.30 5.55 6.15
N ARG B 166 -26.08 4.25 6.06
CA ARG B 166 -26.87 3.28 6.84
C ARG B 166 -26.75 3.60 8.32
N MET B 167 -25.52 3.83 8.78
CA MET B 167 -25.26 4.17 10.17
C MET B 167 -26.17 5.32 10.61
N LEU B 168 -25.96 6.49 10.01
CA LEU B 168 -26.73 7.67 10.34
C LEU B 168 -28.26 7.43 10.33
N ILE B 169 -28.77 6.76 9.30
CA ILE B 169 -30.20 6.45 9.22
C ILE B 169 -30.66 5.57 10.38
N ASN B 170 -29.94 4.48 10.62
CA ASN B 170 -30.29 3.55 11.69
C ASN B 170 -30.30 4.22 13.05
N GLN B 171 -29.34 5.11 13.29
CA GLN B 171 -29.27 5.83 14.55
C GLN B 171 -30.55 6.60 14.80
N HIS B 172 -30.96 7.39 13.80
CA HIS B 172 -32.17 8.19 13.91
C HIS B 172 -33.40 7.31 14.11
N THR B 173 -33.53 6.27 13.29
CA THR B 173 -34.74 5.43 13.30
C THR B 173 -34.88 4.60 14.57
N LEU B 174 -33.77 3.98 15.01
CA LEU B 174 -33.80 3.15 16.21
C LEU B 174 -34.09 3.94 17.48
N ILE B 175 -33.54 5.15 17.56
CA ILE B 175 -33.78 6.04 18.71
C ILE B 175 -35.20 6.64 18.70
N PHE B 176 -35.54 7.29 17.60
CA PHE B 176 -36.82 7.97 17.50
C PHE B 176 -37.85 7.10 16.79
N ASP B 177 -39.13 7.39 17.00
CA ASP B 177 -40.10 6.38 17.39
C ASP B 177 -40.46 5.49 16.21
N GLY B 178 -39.47 5.17 15.39
CA GLY B 178 -39.49 3.95 14.59
C GLY B 178 -39.10 2.73 15.40
N SER B 179 -39.13 2.84 16.72
CA SER B 179 -39.18 1.69 17.62
C SER B 179 -40.12 1.95 18.80
N THR B 180 -40.49 0.87 19.48
CA THR B 180 -41.30 0.91 20.71
C THR B 180 -41.20 -0.44 21.45
N ASN B 181 -40.98 -1.51 20.68
CA ASN B 181 -40.81 -2.86 21.22
C ASN B 181 -39.61 -3.63 20.61
N PRO B 182 -39.49 -3.66 19.27
CA PRO B 182 -38.47 -4.52 18.63
C PRO B 182 -37.11 -3.87 18.41
N ALA B 183 -36.18 -4.13 19.32
CA ALA B 183 -34.79 -3.65 19.22
C ALA B 183 -33.91 -4.30 20.30
N HIS B 184 -33.01 -3.50 20.89
CA HIS B 184 -32.23 -3.89 22.07
C HIS B 184 -32.29 -2.77 23.09
N PRO B 185 -33.20 -2.86 24.07
CA PRO B 185 -33.39 -1.78 25.07
C PRO B 185 -32.20 -1.63 26.02
N LYS B 186 -31.03 -1.38 25.46
CA LYS B 186 -29.77 -1.21 26.18
C LYS B 186 -28.79 -0.51 25.24
N HIS B 187 -28.92 -0.81 23.96
CA HIS B 187 -28.14 -0.18 22.88
C HIS B 187 -28.54 1.28 22.74
N ILE B 188 -27.59 2.13 22.36
CA ILE B 188 -27.88 3.51 21.99
C ILE B 188 -27.84 3.59 20.47
N GLY B 189 -28.99 3.35 19.86
CA GLY B 189 -29.09 3.18 18.42
C GLY B 189 -28.69 1.76 18.08
N SER B 190 -27.65 1.63 17.27
CA SER B 190 -27.08 0.34 16.91
C SER B 190 -25.83 0.06 17.75
N ILE B 191 -25.52 0.99 18.64
CA ILE B 191 -24.28 0.99 19.40
C ILE B 191 -24.46 0.36 20.78
N ASP B 192 -23.65 -0.65 21.06
CA ASP B 192 -23.61 -1.27 22.37
C ASP B 192 -22.45 -0.68 23.16
N PRO B 193 -22.74 0.02 24.28
CA PRO B 193 -21.65 0.65 25.04
C PRO B 193 -20.82 -0.35 25.84
N ASN B 194 -21.39 -1.54 26.06
CA ASN B 194 -20.73 -2.60 26.80
C ASN B 194 -20.84 -3.90 26.01
N CYS B 195 -20.34 -3.87 24.78
CA CYS B 195 -20.43 -5.00 23.86
C CYS B 195 -19.51 -6.14 24.24
N SER B 196 -20.12 -7.31 24.47
CA SER B 196 -19.38 -8.52 24.78
C SER B 196 -18.71 -9.07 23.52
N VAL B 197 -17.45 -8.70 23.31
CA VAL B 197 -16.69 -9.14 22.12
C VAL B 197 -16.77 -10.67 21.95
N SER B 198 -16.62 -11.40 23.06
CA SER B 198 -16.60 -12.86 23.02
C SER B 198 -17.96 -13.42 22.57
N ASP B 199 -19.04 -12.90 23.15
CA ASP B 199 -20.39 -13.31 22.76
C ASP B 199 -20.68 -13.10 21.27
N VAL B 200 -20.12 -12.03 20.70
CA VAL B 200 -20.31 -11.75 19.29
C VAL B 200 -19.52 -12.79 18.48
N VAL B 201 -18.34 -13.17 18.97
CA VAL B 201 -17.52 -14.22 18.33
C VAL B 201 -18.27 -15.56 18.33
N LYS B 202 -18.88 -15.90 19.46
CA LYS B 202 -19.63 -17.14 19.59
C LYS B 202 -20.87 -17.13 18.73
N ASP B 203 -21.58 -16.01 18.70
CA ASP B 203 -22.76 -15.86 17.84
C ASP B 203 -22.38 -16.12 16.40
N ALA B 204 -21.39 -15.39 15.90
CA ALA B 204 -20.94 -15.49 14.51
C ALA B 204 -20.45 -16.90 14.17
N TYR B 205 -19.76 -17.53 15.10
CA TYR B 205 -19.36 -18.92 14.97
C TYR B 205 -20.56 -19.85 14.81
N ASP B 206 -21.55 -19.72 15.71
CA ASP B 206 -22.76 -20.56 15.70
C ASP B 206 -23.45 -20.62 14.33
N MET B 207 -23.63 -19.46 13.70
CA MET B 207 -24.27 -19.38 12.39
C MET B 207 -23.42 -20.00 11.29
N ALA B 208 -22.15 -19.61 11.22
CA ALA B 208 -21.25 -20.13 10.20
C ALA B 208 -21.13 -21.65 10.28
N LYS B 209 -20.99 -22.17 11.50
CA LYS B 209 -20.95 -23.61 11.75
C LYS B 209 -22.20 -24.28 11.21
N LEU B 210 -23.34 -23.69 11.55
CA LEU B 210 -24.63 -24.17 11.09
C LEU B 210 -24.65 -24.28 9.57
N LEU B 211 -24.36 -23.18 8.89
CA LEU B 211 -24.29 -23.17 7.44
C LEU B 211 -23.26 -24.18 6.91
N CYS B 212 -22.18 -24.39 7.65
CA CYS B 212 -21.11 -25.30 7.26
C CYS B 212 -21.56 -26.76 7.33
N ASP B 213 -22.16 -27.13 8.46
CA ASP B 213 -22.72 -28.46 8.64
C ASP B 213 -23.81 -28.79 7.64
N LYS B 214 -24.55 -27.76 7.19
CA LYS B 214 -25.66 -27.97 6.26
C LYS B 214 -25.24 -27.82 4.80
N TYR B 215 -23.94 -27.87 4.54
CA TYR B 215 -23.39 -27.71 3.18
C TYR B 215 -22.20 -28.65 2.97
N TYR B 216 -21.72 -29.23 4.07
CA TYR B 216 -20.59 -30.17 4.05
C TYR B 216 -20.81 -31.40 4.93
N MET B 217 -21.58 -31.24 6.01
CA MET B 217 -21.80 -32.27 7.04
C MET B 217 -20.62 -32.48 7.99
N ALA B 218 -19.65 -31.58 7.93
CA ALA B 218 -18.49 -31.60 8.81
C ALA B 218 -18.10 -30.17 9.15
N SER B 219 -17.51 -29.98 10.33
CA SER B 219 -17.30 -28.65 10.87
C SER B 219 -16.14 -28.59 11.87
N PRO B 220 -15.32 -27.53 11.80
CA PRO B 220 -14.29 -27.36 12.83
C PRO B 220 -14.85 -26.78 14.11
N ASP B 221 -14.24 -27.12 15.24
CA ASP B 221 -14.63 -26.57 16.54
C ASP B 221 -14.14 -25.13 16.69
N LEU B 222 -14.51 -24.51 17.81
CA LEU B 222 -14.02 -23.20 18.17
C LEU B 222 -13.17 -23.26 19.43
N GLU B 223 -12.01 -22.62 19.38
CA GLU B 223 -11.19 -22.37 20.57
C GLU B 223 -11.08 -20.87 20.78
N ILE B 224 -11.40 -20.42 21.99
CA ILE B 224 -11.46 -18.98 22.29
C ILE B 224 -10.50 -18.68 23.42
N GLN B 225 -9.72 -17.61 23.25
CA GLN B 225 -8.78 -17.15 24.27
C GLN B 225 -8.85 -15.63 24.36
N GLU B 226 -8.56 -15.11 25.54
CA GLU B 226 -8.57 -13.66 25.73
C GLU B 226 -7.35 -13.19 26.47
N VAL B 227 -6.81 -12.04 26.07
CA VAL B 227 -5.73 -11.42 26.81
C VAL B 227 -6.06 -9.94 27.01
N ASN B 228 -6.55 -9.63 28.20
CA ASN B 228 -6.77 -8.25 28.58
C ASN B 228 -5.51 -7.73 29.26
N ALA B 229 -4.77 -6.89 28.56
CA ALA B 229 -3.51 -6.34 29.08
C ALA B 229 -3.76 -5.04 29.81
N THR B 230 -5.02 -4.63 29.86
CA THR B 230 -5.42 -3.39 30.51
C THR B 230 -5.94 -3.73 31.90
N ASN B 231 -6.52 -4.92 32.02
CA ASN B 231 -7.02 -5.45 33.29
C ASN B 231 -6.98 -6.97 33.21
N ALA B 232 -5.94 -7.56 33.78
CA ALA B 232 -5.64 -8.99 33.64
C ALA B 232 -6.83 -9.95 33.69
N THR B 233 -7.77 -9.69 34.59
CA THR B 233 -8.90 -10.59 34.83
C THR B 233 -10.16 -10.30 34.00
N GLN B 234 -10.26 -9.08 33.48
CA GLN B 234 -11.51 -8.59 32.91
C GLN B 234 -11.89 -9.20 31.57
N PRO B 235 -13.14 -9.68 31.45
CA PRO B 235 -13.69 -10.04 30.14
C PRO B 235 -13.66 -8.81 29.23
N ILE B 236 -13.29 -9.02 27.97
CA ILE B 236 -13.08 -7.92 27.05
C ILE B 236 -14.39 -7.38 26.48
N HIS B 237 -14.72 -6.15 26.89
CA HIS B 237 -15.85 -5.41 26.35
C HIS B 237 -15.36 -4.11 25.70
N MET B 238 -16.17 -3.60 24.77
CA MET B 238 -15.89 -2.33 24.11
C MET B 238 -17.20 -1.61 23.72
N VAL B 239 -17.07 -0.34 23.35
CA VAL B 239 -18.13 0.40 22.70
C VAL B 239 -18.08 0.14 21.19
N TYR B 240 -19.01 -0.66 20.68
CA TYR B 240 -19.06 -0.92 19.24
C TYR B 240 -20.48 -1.05 18.67
N VAL B 241 -20.56 -1.24 17.35
CA VAL B 241 -21.78 -1.71 16.69
C VAL B 241 -21.67 -3.22 16.51
N PRO B 242 -22.33 -3.99 17.40
CA PRO B 242 -22.16 -5.45 17.36
C PRO B 242 -22.46 -6.06 15.99
N SER B 243 -23.39 -5.47 15.24
CA SER B 243 -23.74 -6.00 13.92
C SER B 243 -22.59 -5.89 12.90
N HIS B 244 -21.89 -4.75 12.92
CA HIS B 244 -20.67 -4.58 12.13
C HIS B 244 -19.66 -5.68 12.50
N LEU B 245 -19.44 -5.84 13.79
CA LEU B 245 -18.54 -6.86 14.30
C LEU B 245 -19.00 -8.25 13.87
N TYR B 246 -20.29 -8.52 14.07
CA TYR B 246 -20.89 -9.76 13.62
C TYR B 246 -20.63 -10.02 12.14
N HIS B 247 -20.90 -9.03 11.28
CA HIS B 247 -20.70 -9.18 9.85
C HIS B 247 -19.27 -9.64 9.55
N MET B 248 -18.28 -8.95 10.13
CA MET B 248 -16.88 -9.28 9.91
C MET B 248 -16.56 -10.73 10.29
N LEU B 249 -16.87 -11.12 11.53
CA LEU B 249 -16.54 -12.45 12.01
C LEU B 249 -17.32 -13.57 11.31
N PHE B 250 -18.61 -13.34 11.06
CA PHE B 250 -19.46 -14.30 10.34
C PHE B 250 -18.83 -14.61 9.00
N GLU B 251 -18.43 -13.57 8.28
CA GLU B 251 -17.74 -13.71 7.01
C GLU B 251 -16.43 -14.47 7.12
N LEU B 252 -15.51 -14.00 7.98
CA LEU B 252 -14.23 -14.68 8.20
C LEU B 252 -14.40 -16.14 8.57
N PHE B 253 -15.24 -16.40 9.58
CA PHE B 253 -15.57 -17.77 9.98
C PHE B 253 -15.94 -18.67 8.80
N LYS B 254 -16.81 -18.19 7.91
CA LYS B 254 -17.22 -18.97 6.75
C LYS B 254 -16.04 -19.31 5.82
N ASN B 255 -15.16 -18.34 5.59
CA ASN B 255 -13.95 -18.52 4.78
C ASN B 255 -13.01 -19.56 5.35
N ALA B 256 -12.87 -19.54 6.68
CA ALA B 256 -11.99 -20.45 7.38
C ALA B 256 -12.58 -21.84 7.42
N MET B 257 -13.90 -21.92 7.55
CA MET B 257 -14.57 -23.20 7.61
C MET B 257 -14.51 -23.91 6.26
N ARG B 258 -14.80 -23.17 5.18
CA ARG B 258 -14.69 -23.74 3.85
C ARG B 258 -13.29 -24.30 3.62
N ALA B 259 -12.30 -23.46 3.90
CA ALA B 259 -10.89 -23.80 3.72
C ALA B 259 -10.47 -25.04 4.49
N THR B 260 -10.89 -25.13 5.76
CA THR B 260 -10.54 -26.25 6.62
C THR B 260 -11.13 -27.57 6.12
N VAL B 261 -12.40 -27.54 5.73
CA VAL B 261 -13.07 -28.75 5.26
C VAL B 261 -12.55 -29.16 3.88
N GLU B 262 -12.33 -28.18 3.00
CA GLU B 262 -11.89 -28.45 1.64
C GLU B 262 -10.46 -28.92 1.51
N SER B 263 -9.62 -28.58 2.49
CA SER B 263 -8.20 -28.90 2.43
C SER B 263 -7.91 -30.13 3.28
N HIS B 264 -8.98 -30.75 3.80
CA HIS B 264 -8.85 -31.98 4.55
C HIS B 264 -9.59 -33.13 3.85
N GLU B 265 -9.24 -33.30 2.57
CA GLU B 265 -9.77 -34.37 1.71
C GLU B 265 -9.49 -35.76 2.26
N SER B 266 -8.38 -35.89 2.98
CA SER B 266 -8.02 -37.13 3.65
C SER B 266 -8.59 -37.18 5.07
N SER B 267 -9.08 -36.03 5.56
CA SER B 267 -9.43 -35.87 6.97
C SER B 267 -10.85 -36.31 7.35
N LEU B 268 -11.27 -35.85 8.52
CA LEU B 268 -12.35 -36.41 9.35
C LEU B 268 -12.19 -35.75 10.71
N THR B 269 -10.93 -35.39 10.98
CA THR B 269 -10.41 -34.96 12.27
C THR B 269 -9.96 -33.50 12.14
N LEU B 270 -10.96 -32.62 12.09
CA LEU B 270 -10.77 -31.24 11.69
C LEU B 270 -10.06 -30.41 12.75
N PRO B 271 -9.00 -29.69 12.35
CA PRO B 271 -8.32 -28.79 13.28
C PRO B 271 -9.20 -27.58 13.57
N PRO B 272 -9.37 -27.25 14.87
CA PRO B 272 -10.27 -26.18 15.27
C PRO B 272 -9.90 -24.82 14.67
N ILE B 273 -10.87 -23.90 14.66
CA ILE B 273 -10.56 -22.50 14.39
C ILE B 273 -10.28 -21.85 15.73
N LYS B 274 -9.09 -21.28 15.85
CA LYS B 274 -8.65 -20.62 17.09
C LYS B 274 -8.92 -19.13 17.01
N ILE B 275 -9.47 -18.57 18.09
CA ILE B 275 -9.71 -17.14 18.19
C ILE B 275 -8.88 -16.53 19.31
N MET B 276 -8.25 -15.40 19.02
CA MET B 276 -7.52 -14.66 20.02
C MET B 276 -8.07 -13.24 20.12
N VAL B 277 -8.60 -12.89 21.29
CA VAL B 277 -9.03 -11.53 21.55
C VAL B 277 -8.05 -10.84 22.52
N ALA B 278 -7.30 -9.86 21.99
CA ALA B 278 -6.38 -9.06 22.80
C ALA B 278 -6.88 -7.64 22.94
N LEU B 279 -6.71 -7.07 24.12
CA LEU B 279 -7.01 -5.65 24.34
C LEU B 279 -5.79 -4.95 24.94
N GLY B 280 -5.41 -3.85 24.31
CA GLY B 280 -4.33 -3.00 24.77
C GLY B 280 -4.90 -1.64 25.13
N GLU B 281 -4.02 -0.65 25.28
CA GLU B 281 -4.42 0.72 25.61
C GLU B 281 -5.15 1.40 24.45
N GLU B 282 -4.95 0.88 23.25
CA GLU B 282 -5.36 1.59 22.04
C GLU B 282 -6.03 0.66 21.05
N ASP B 283 -5.58 -0.59 21.05
CA ASP B 283 -6.07 -1.63 20.16
C ASP B 283 -6.98 -2.61 20.87
N LEU B 284 -7.99 -3.08 20.14
CA LEU B 284 -8.64 -4.33 20.44
C LEU B 284 -8.43 -5.22 19.22
N SER B 285 -7.70 -6.32 19.39
CA SER B 285 -7.37 -7.19 18.27
C SER B 285 -8.04 -8.55 18.37
N ILE B 286 -8.66 -8.99 17.29
CA ILE B 286 -9.25 -10.32 17.19
C ILE B 286 -8.56 -11.13 16.08
N LYS B 287 -7.84 -12.18 16.46
CA LYS B 287 -7.13 -13.02 15.49
C LYS B 287 -7.90 -14.32 15.29
N MET B 288 -8.25 -14.61 14.05
CA MET B 288 -8.86 -15.87 13.70
C MET B 288 -7.84 -16.72 12.97
N SER B 289 -7.50 -17.86 13.56
CA SER B 289 -6.50 -18.71 12.96
C SER B 289 -7.14 -19.99 12.48
N ASP B 290 -6.73 -20.44 11.30
CA ASP B 290 -7.20 -21.70 10.77
C ASP B 290 -6.06 -22.50 10.14
N ARG B 291 -6.18 -23.82 10.19
CA ARG B 291 -5.22 -24.71 9.56
C ARG B 291 -5.81 -25.26 8.25
N GLY B 292 -6.22 -24.36 7.36
CA GLY B 292 -6.93 -24.74 6.15
C GLY B 292 -6.12 -24.68 4.86
N GLY B 293 -4.80 -24.84 4.96
CA GLY B 293 -3.96 -24.99 3.77
C GLY B 293 -3.39 -23.71 3.19
N GLY B 294 -3.87 -22.56 3.68
CA GLY B 294 -3.29 -21.28 3.31
C GLY B 294 -3.45 -20.84 1.86
N VAL B 295 -2.99 -19.63 1.58
CA VAL B 295 -3.02 -19.05 0.24
C VAL B 295 -1.61 -18.50 -0.10
N PRO B 296 -1.11 -18.76 -1.33
CA PRO B 296 0.16 -18.16 -1.72
C PRO B 296 0.08 -16.64 -1.63
N LEU B 297 1.19 -16.01 -1.26
CA LEU B 297 1.24 -14.55 -1.06
C LEU B 297 0.70 -13.72 -2.23
N ARG B 298 1.02 -14.11 -3.46
CA ARG B 298 0.65 -13.31 -4.63
C ARG B 298 -0.87 -13.28 -4.83
N LYS B 299 -1.58 -14.18 -4.15
CA LYS B 299 -3.02 -14.27 -4.25
C LYS B 299 -3.75 -13.54 -3.12
N ILE B 300 -3.04 -13.18 -2.06
CA ILE B 300 -3.66 -12.43 -0.96
C ILE B 300 -4.24 -11.09 -1.44
N GLU B 301 -3.45 -10.34 -2.20
CA GLU B 301 -3.86 -9.03 -2.70
C GLU B 301 -5.09 -9.11 -3.57
N ARG B 302 -5.16 -10.14 -4.41
CA ARG B 302 -6.33 -10.45 -5.23
C ARG B 302 -7.60 -10.65 -4.42
N LEU B 303 -7.47 -11.22 -3.23
CA LEU B 303 -8.63 -11.60 -2.41
C LEU B 303 -9.47 -10.41 -1.98
N PHE B 304 -8.88 -9.22 -1.96
CA PHE B 304 -9.60 -7.99 -1.61
C PHE B 304 -10.02 -7.21 -2.85
N SER B 305 -9.82 -7.80 -4.03
CA SER B 305 -10.23 -7.17 -5.28
C SER B 305 -11.66 -7.55 -5.63
N TYR B 306 -12.43 -6.55 -6.03
CA TYR B 306 -13.82 -6.76 -6.45
C TYR B 306 -13.93 -7.38 -7.83
N MET B 307 -12.98 -7.05 -8.70
CA MET B 307 -13.00 -7.55 -10.07
C MET B 307 -12.35 -8.93 -10.22
N TYR B 308 -11.63 -9.35 -9.19
CA TYR B 308 -11.03 -10.70 -9.18
C TYR B 308 -12.00 -11.80 -8.71
N SER B 309 -12.69 -11.56 -7.59
CA SER B 309 -13.61 -12.57 -7.04
C SER B 309 -15.06 -12.45 -7.55
N THR B 310 -15.21 -12.63 -8.87
CA THR B 310 -16.51 -12.55 -9.56
C THR B 310 -16.40 -13.24 -10.92
N ALA B 311 -17.40 -14.06 -11.26
CA ALA B 311 -17.41 -14.81 -12.52
C ALA B 311 -18.83 -14.89 -13.12
N PRO B 312 -18.93 -14.93 -14.47
CA PRO B 312 -17.86 -14.86 -15.46
C PRO B 312 -17.61 -13.42 -15.94
N LEU B 323 -21.56 -22.20 1.57
CA LEU B 323 -21.01 -21.11 2.39
C LEU B 323 -20.46 -20.00 1.51
N ALA B 324 -19.68 -20.39 0.50
CA ALA B 324 -19.12 -19.45 -0.46
C ALA B 324 -20.19 -19.05 -1.46
N GLY B 325 -20.70 -17.83 -1.29
CA GLY B 325 -21.68 -17.28 -2.20
C GLY B 325 -20.98 -16.61 -3.36
N PHE B 326 -20.85 -15.29 -3.28
CA PHE B 326 -20.31 -14.48 -4.37
C PHE B 326 -18.79 -14.35 -4.25
N GLY B 327 -18.32 -13.16 -3.90
CA GLY B 327 -16.91 -12.90 -3.69
C GLY B 327 -16.66 -11.50 -3.19
N TYR B 328 -17.54 -11.02 -2.33
CA TYR B 328 -17.47 -9.65 -1.79
C TYR B 328 -17.39 -9.63 -0.26
N GLY B 329 -17.40 -10.82 0.34
CA GLY B 329 -17.34 -10.95 1.79
C GLY B 329 -16.09 -10.32 2.37
N LEU B 330 -14.94 -10.58 1.74
CA LEU B 330 -13.67 -10.04 2.24
C LEU B 330 -13.54 -8.52 2.08
N PRO B 331 -13.69 -7.98 0.85
CA PRO B 331 -13.52 -6.53 0.70
C PRO B 331 -14.46 -5.72 1.59
N ILE B 332 -15.71 -6.18 1.72
CA ILE B 332 -16.71 -5.49 2.50
C ILE B 332 -16.47 -5.56 4.01
N SER B 333 -16.08 -6.74 4.51
CA SER B 333 -15.75 -6.88 5.94
C SER B 333 -14.62 -5.93 6.32
N ARG B 334 -13.67 -5.77 5.41
CA ARG B 334 -12.55 -4.87 5.61
C ARG B 334 -13.07 -3.43 5.76
N LEU B 335 -14.03 -3.07 4.91
CA LEU B 335 -14.65 -1.74 4.98
C LEU B 335 -15.32 -1.52 6.33
N TYR B 336 -16.05 -2.53 6.81
CA TYR B 336 -16.65 -2.45 8.13
C TYR B 336 -15.58 -2.15 9.18
N ALA B 337 -14.47 -2.87 9.12
CA ALA B 337 -13.35 -2.65 10.03
C ALA B 337 -12.67 -1.29 9.82
N LYS B 338 -12.62 -0.81 8.59
CA LYS B 338 -12.00 0.47 8.31
C LYS B 338 -12.89 1.66 8.68
N TYR B 339 -14.17 1.39 8.93
CA TYR B 339 -15.16 2.45 9.08
C TYR B 339 -14.94 3.27 10.34
N PHE B 340 -14.55 2.60 11.44
CA PHE B 340 -14.24 3.28 12.69
C PHE B 340 -12.75 3.24 12.97
N GLN B 341 -11.96 3.44 11.92
CA GLN B 341 -10.51 3.57 11.97
C GLN B 341 -9.76 2.27 12.32
N GLY B 342 -10.41 1.12 12.10
CA GLY B 342 -9.71 -0.16 12.31
C GLY B 342 -9.10 -0.69 11.02
N ASP B 343 -8.94 -2.00 10.95
CA ASP B 343 -8.54 -2.68 9.71
C ASP B 343 -8.82 -4.18 9.83
N LEU B 344 -8.82 -4.87 8.70
CA LEU B 344 -8.81 -6.31 8.69
C LEU B 344 -7.66 -6.74 7.79
N GLN B 345 -6.71 -7.47 8.37
CA GLN B 345 -5.57 -7.94 7.61
C GLN B 345 -5.52 -9.46 7.56
N LEU B 346 -5.02 -9.99 6.46
CA LEU B 346 -4.83 -11.42 6.30
C LEU B 346 -3.37 -11.75 6.12
N PHE B 347 -2.95 -12.89 6.65
CA PHE B 347 -1.60 -13.40 6.45
C PHE B 347 -1.69 -14.91 6.46
N SER B 348 -1.52 -15.53 5.30
CA SER B 348 -1.50 -16.98 5.31
C SER B 348 -0.08 -17.50 5.29
N MET B 349 0.01 -18.81 5.38
CA MET B 349 1.23 -19.57 5.13
C MET B 349 0.75 -20.73 4.28
N GLU B 350 1.08 -20.69 3.00
CA GLU B 350 0.65 -21.70 2.06
C GLU B 350 1.12 -23.07 2.54
N GLY B 351 0.20 -24.02 2.60
CA GLY B 351 0.52 -25.37 3.06
C GLY B 351 0.21 -25.62 4.51
N PHE B 352 -0.07 -24.56 5.28
CA PHE B 352 -0.41 -24.69 6.68
C PHE B 352 -1.80 -24.13 6.98
N GLY B 353 -1.97 -22.84 6.74
CA GLY B 353 -3.23 -22.21 7.09
C GLY B 353 -3.17 -20.70 6.96
N THR B 354 -4.11 -20.02 7.62
CA THR B 354 -4.22 -18.56 7.49
C THR B 354 -4.62 -17.90 8.80
N ASP B 355 -4.11 -16.69 9.00
CA ASP B 355 -4.53 -15.84 10.10
C ASP B 355 -5.21 -14.57 9.57
N ALA B 356 -6.46 -14.37 9.99
CA ALA B 356 -7.16 -13.12 9.71
C ALA B 356 -7.28 -12.31 11.00
N VAL B 357 -7.11 -11.00 10.89
CA VAL B 357 -7.07 -10.14 12.09
C VAL B 357 -7.92 -8.88 11.90
N ILE B 358 -8.91 -8.74 12.77
CA ILE B 358 -9.65 -7.51 12.85
C ILE B 358 -9.00 -6.61 13.89
N TYR B 359 -8.69 -5.38 13.48
CA TYR B 359 -8.14 -4.39 14.39
C TYR B 359 -9.20 -3.34 14.66
N LEU B 360 -9.42 -3.06 15.93
CA LEU B 360 -10.38 -2.04 16.33
C LEU B 360 -9.78 -1.07 17.31
N LYS B 361 -10.20 0.19 17.25
CA LYS B 361 -9.82 1.16 18.24
C LYS B 361 -10.51 0.79 19.54
N ALA B 362 -9.71 0.76 20.63
CA ALA B 362 -10.24 0.42 21.94
C ALA B 362 -11.10 1.54 22.51
N LEU B 363 -10.74 2.79 22.24
CA LEU B 363 -11.44 3.95 22.80
C LEU B 363 -12.43 4.59 21.84
N SER B 364 -13.59 4.98 22.34
CA SER B 364 -14.67 5.53 21.52
C SER B 364 -14.36 6.92 20.96
N THR B 365 -13.37 7.58 21.55
CA THR B 365 -12.87 8.85 21.02
C THR B 365 -12.13 8.59 19.70
N ASP B 366 -11.34 7.52 19.67
CA ASP B 366 -10.52 7.19 18.51
C ASP B 366 -11.36 6.56 17.40
N SER B 367 -12.55 6.09 17.75
CA SER B 367 -13.47 5.46 16.80
C SER B 367 -14.22 6.49 15.95
N VAL B 368 -13.50 7.05 14.98
CA VAL B 368 -14.03 8.14 14.17
C VAL B 368 -14.36 7.63 12.77
N GLU B 369 -15.49 8.07 12.25
CA GLU B 369 -15.96 7.68 10.92
C GLU B 369 -14.92 7.92 9.84
N ARG B 370 -14.68 6.91 9.00
CA ARG B 370 -13.82 7.05 7.82
C ARG B 370 -14.68 7.26 6.57
N LEU B 371 -14.70 8.49 6.08
CA LEU B 371 -15.62 8.91 5.01
C LEU B 371 -14.93 9.40 3.73
N PRO B 372 -15.35 8.87 2.57
CA PRO B 372 -14.84 9.36 1.29
C PRO B 372 -15.26 10.81 1.05
N VAL B 373 -14.41 11.55 0.35
CA VAL B 373 -14.60 12.98 0.10
C VAL B 373 -14.35 13.28 -1.36
N TYR B 374 -15.33 13.88 -2.03
CA TYR B 374 -15.08 14.38 -3.37
C TYR B 374 -14.36 15.70 -3.29
N ASN B 375 -13.31 15.84 -4.09
CA ASN B 375 -12.57 17.09 -4.27
C ASN B 375 -11.60 16.91 -5.42
N LYS B 376 -10.77 17.92 -5.67
CA LYS B 376 -9.78 17.81 -6.74
C LYS B 376 -8.90 16.58 -6.54
N SER B 377 -8.64 16.25 -5.27
CA SER B 377 -7.80 15.12 -4.91
C SER B 377 -8.45 13.78 -5.28
N ALA B 378 -9.76 13.70 -5.08
CA ALA B 378 -10.51 12.50 -5.44
C ALA B 378 -10.64 12.41 -6.95
N TRP B 379 -10.96 13.55 -7.58
CA TRP B 379 -11.12 13.65 -9.04
C TRP B 379 -9.94 13.06 -9.80
N ARG B 380 -8.73 13.40 -9.37
CA ARG B 380 -7.51 12.99 -10.06
C ARG B 380 -7.20 11.50 -9.91
N HIS B 381 -7.77 10.84 -8.90
CA HIS B 381 -7.62 9.39 -8.76
C HIS B 381 -8.39 8.65 -9.85
N TYR B 382 -9.41 9.31 -10.39
CA TYR B 382 -10.09 8.84 -11.58
C TYR B 382 -9.33 9.34 -12.80
N GLN B 383 -9.73 8.88 -13.98
CA GLN B 383 -9.04 9.21 -15.23
C GLN B 383 -7.50 9.36 -15.07
N THR B 384 -6.84 8.23 -14.82
CA THR B 384 -5.38 8.17 -14.73
C THR B 384 -4.78 7.38 -15.89
N ILE B 385 -3.50 7.63 -16.17
CA ILE B 385 -2.80 7.05 -17.33
C ILE B 385 -2.12 5.72 -17.01
N GLN B 386 -1.81 4.95 -18.06
CA GLN B 386 -1.00 3.73 -17.93
C GLN B 386 0.49 4.11 -17.87
N GLU B 387 1.12 3.80 -16.74
CA GLU B 387 2.51 4.19 -16.48
C GLU B 387 3.51 3.10 -16.79
N ALA B 388 4.74 3.50 -17.10
CA ALA B 388 5.85 2.56 -17.21
C ALA B 388 6.19 2.02 -15.82
N GLY B 389 6.74 0.82 -15.78
CA GLY B 389 7.09 0.16 -14.53
C GLY B 389 8.07 0.94 -13.68
N ASP B 390 7.83 0.90 -12.37
CA ASP B 390 8.69 1.56 -11.39
C ASP B 390 9.95 0.73 -11.13
N TRP B 391 9.81 -0.58 -11.26
CA TRP B 391 10.87 -1.54 -11.00
C TRP B 391 11.08 -2.38 -12.25
N CYS B 392 12.15 -3.19 -12.24
CA CYS B 392 12.44 -4.08 -13.37
C CYS B 392 11.39 -5.15 -13.57
N VAL B 393 11.02 -5.37 -14.83
CA VAL B 393 10.16 -6.47 -15.18
C VAL B 393 11.04 -7.51 -15.87
N PRO B 394 11.13 -8.72 -15.29
CA PRO B 394 11.94 -9.79 -15.85
C PRO B 394 11.38 -10.28 -17.17
N SER B 395 12.24 -10.88 -17.99
CA SER B 395 11.83 -11.49 -19.25
C SER B 395 11.04 -12.78 -19.00
N THR B 396 10.11 -13.07 -19.91
CA THR B 396 9.32 -14.30 -19.85
C THR B 396 10.20 -15.52 -20.13
N GLU B 397 11.08 -15.40 -21.12
CA GLU B 397 12.04 -16.46 -21.45
C GLU B 397 13.46 -16.01 -21.07
N PRO B 398 13.88 -16.31 -19.83
CA PRO B 398 15.15 -15.81 -19.30
C PRO B 398 16.35 -16.38 -20.04
N LYS B 399 17.41 -15.59 -20.15
CA LYS B 399 18.62 -16.01 -20.86
C LYS B 399 19.26 -17.21 -20.16
N ASN B 400 19.37 -18.31 -20.90
CA ASN B 400 20.06 -19.50 -20.41
C ASN B 400 21.56 -19.25 -20.31
N THR B 401 22.03 -19.10 -19.08
CA THR B 401 23.43 -18.80 -18.79
C THR B 401 24.23 -20.07 -18.44
N SER B 402 23.60 -21.22 -18.62
CA SER B 402 24.26 -22.52 -18.46
C SER B 402 25.39 -22.72 -19.48
N THR B 403 26.40 -23.48 -19.08
CA THR B 403 27.62 -23.65 -19.87
C THR B 403 27.46 -24.63 -21.04
N TYR B 404 28.54 -24.79 -21.82
CA TYR B 404 28.58 -25.68 -22.99
C TYR B 404 28.12 -27.11 -22.69
N SER C 1 1.48 19.14 -49.09
CA SER C 1 2.44 19.31 -47.96
C SER C 1 2.38 18.13 -47.00
N TYR C 2 3.52 17.81 -46.41
CA TYR C 2 3.61 16.69 -45.47
C TYR C 2 3.45 17.19 -44.03
N PRO C 3 2.52 16.57 -43.28
CA PRO C 3 2.30 16.89 -41.87
C PRO C 3 3.56 16.67 -41.02
N PRO C 4 3.86 17.63 -40.11
CA PRO C 4 5.01 17.54 -39.20
C PRO C 4 4.91 16.33 -38.27
N HIS C 5 5.37 15.18 -38.78
CA HIS C 5 5.26 13.91 -38.06
C HIS C 5 6.50 13.60 -37.25
N MET C 6 6.31 12.83 -36.19
CA MET C 6 7.41 12.29 -35.39
C MET C 6 7.54 10.80 -35.69
N GLN C 7 8.77 10.28 -35.62
CA GLN C 7 9.02 8.85 -35.84
C GLN C 7 9.68 8.15 -34.66
N VAL C 8 9.26 6.92 -34.40
CA VAL C 8 9.70 6.16 -33.24
C VAL C 8 10.56 4.96 -33.65
N LEU C 9 11.88 5.17 -33.65
CA LEU C 9 12.83 4.11 -33.97
C LEU C 9 13.14 3.33 -32.70
N LEU C 10 13.34 2.01 -32.83
CA LEU C 10 13.63 1.17 -31.67
C LEU C 10 15.05 1.38 -31.14
N PRO C 11 15.17 1.75 -29.85
CA PRO C 11 16.48 1.96 -29.24
C PRO C 11 17.02 0.73 -28.50
N ALA C 12 18.31 0.73 -28.21
CA ALA C 12 18.92 -0.25 -27.32
C ALA C 12 18.50 0.04 -25.89
N LEU C 13 17.84 -0.93 -25.27
CA LEU C 13 17.37 -0.78 -23.90
C LEU C 13 18.35 -1.47 -22.94
N SER C 14 19.19 -2.31 -23.52
CA SER C 14 20.35 -2.90 -22.85
C SER C 14 21.56 -2.51 -23.70
N PRO C 15 22.71 -2.25 -23.06
CA PRO C 15 23.85 -1.68 -23.81
C PRO C 15 24.42 -2.59 -24.90
N THR C 16 24.16 -3.90 -24.80
CA THR C 16 24.63 -4.85 -25.81
C THR C 16 23.50 -5.27 -26.75
N MET C 17 22.27 -4.98 -26.36
CA MET C 17 21.08 -5.30 -27.16
C MET C 17 21.18 -4.69 -28.57
N THR C 18 21.02 -5.55 -29.57
CA THR C 18 21.03 -5.14 -30.98
C THR C 18 19.66 -5.39 -31.61
N MET C 19 18.88 -6.27 -30.97
CA MET C 19 17.56 -6.64 -31.45
C MET C 19 16.66 -7.05 -30.28
N GLY C 20 15.35 -6.82 -30.44
CA GLY C 20 14.38 -7.14 -29.40
C GLY C 20 12.98 -7.50 -29.90
N THR C 21 12.23 -8.21 -29.06
CA THR C 21 10.86 -8.63 -29.37
C THR C 21 9.86 -7.55 -28.93
N VAL C 22 8.89 -7.24 -29.80
CA VAL C 22 7.82 -6.31 -29.47
C VAL C 22 6.68 -7.09 -28.83
N GLN C 23 6.59 -7.03 -27.50
CA GLN C 23 5.64 -7.84 -26.73
C GLN C 23 4.19 -7.51 -27.10
N ARG C 24 3.72 -6.35 -26.66
CA ARG C 24 2.35 -5.91 -26.93
C ARG C 24 2.21 -4.39 -26.91
N TRP C 25 1.31 -3.88 -27.73
CA TRP C 25 1.07 -2.44 -27.84
C TRP C 25 0.10 -1.96 -26.78
N GLU C 26 0.52 -0.95 -26.01
CA GLU C 26 -0.28 -0.41 -24.92
C GLU C 26 -1.02 0.88 -25.33
N LYS C 27 -0.82 1.29 -26.57
CA LYS C 27 -1.49 2.47 -27.14
C LYS C 27 -1.96 2.16 -28.54
N LYS C 28 -3.28 2.09 -28.74
CA LYS C 28 -3.85 1.77 -30.04
C LYS C 28 -3.89 2.95 -31.01
N VAL C 29 -4.31 2.66 -32.24
CA VAL C 29 -4.34 3.63 -33.33
C VAL C 29 -5.34 4.76 -33.07
N GLY C 30 -4.85 6.00 -33.03
CA GLY C 30 -5.68 7.18 -32.85
C GLY C 30 -5.63 7.79 -31.47
N GLU C 31 -4.75 7.29 -30.61
CA GLU C 31 -4.66 7.74 -29.22
C GLU C 31 -3.64 8.85 -29.01
N LYS C 32 -3.95 9.78 -28.10
CA LYS C 32 -3.01 10.85 -27.75
C LYS C 32 -1.83 10.30 -26.96
N LEU C 33 -0.71 11.00 -27.04
CA LEU C 33 0.52 10.54 -26.39
C LEU C 33 1.25 11.66 -25.65
N SER C 34 0.86 11.87 -24.39
CA SER C 34 1.56 12.79 -23.50
C SER C 34 2.91 12.18 -23.12
N GLU C 35 3.93 13.03 -22.98
CA GLU C 35 5.26 12.56 -22.62
C GLU C 35 5.24 11.92 -21.24
N GLY C 36 5.71 10.66 -21.19
CA GLY C 36 5.70 9.88 -19.95
C GLY C 36 4.89 8.60 -20.07
N ASP C 37 3.89 8.62 -20.94
CA ASP C 37 2.98 7.50 -21.14
C ASP C 37 3.67 6.21 -21.56
N LEU C 38 3.15 5.09 -21.09
CA LEU C 38 3.61 3.78 -21.52
C LEU C 38 3.08 3.48 -22.91
N LEU C 39 3.99 3.46 -23.88
CA LEU C 39 3.64 3.24 -25.29
C LEU C 39 3.45 1.77 -25.60
N ALA C 40 4.45 0.96 -25.24
CA ALA C 40 4.44 -0.48 -25.50
C ALA C 40 5.39 -1.23 -24.57
N GLU C 41 5.33 -2.56 -24.61
CA GLU C 41 6.21 -3.41 -23.84
C GLU C 41 7.23 -4.01 -24.80
N ILE C 42 8.52 -3.82 -24.49
CA ILE C 42 9.60 -4.42 -25.28
C ILE C 42 10.37 -5.44 -24.44
N GLU C 43 10.41 -6.68 -24.92
CA GLU C 43 11.06 -7.77 -24.19
C GLU C 43 12.33 -8.27 -24.92
N THR C 44 13.46 -8.19 -24.23
CA THR C 44 14.69 -8.84 -24.67
C THR C 44 14.92 -10.11 -23.87
N ASP C 45 16.09 -10.71 -24.05
CA ASP C 45 16.46 -11.93 -23.31
C ASP C 45 16.91 -11.62 -21.88
CB LA2 C 46 18.68 -9.05 -20.39
C LA2 C 46 16.42 -9.19 -19.38
O LA2 C 46 16.48 -9.21 -18.14
N LA2 C 46 16.94 -10.34 -21.51
CA LA2 C 46 17.44 -9.93 -20.20
O1 LA2 C 46 24.08 -12.09 -20.52
C1 LA2 C 46 23.35 -12.34 -19.57
NZ LA2 C 46 22.26 -11.63 -19.28
CE LA2 C 46 21.77 -10.47 -19.98
CD LA2 C 46 20.43 -10.90 -20.58
CG LA2 C 46 19.76 -9.70 -21.26
C2 LA2 C 46 23.65 -13.50 -18.67
C3 LA2 C 46 24.65 -13.05 -17.61
C4 LA2 C 46 24.45 -13.87 -16.35
C5 LA2 C 46 25.78 -14.33 -15.80
C6 LA2 C 46 25.98 -13.80 -14.39
S6 LA2 C 46 25.41 -15.00 -13.20
C7 LA2 C 46 27.46 -13.55 -14.15
C8 LA2 C 46 27.65 -12.32 -13.24
S8 LA2 C 46 27.31 -12.79 -11.54
N ALA C 47 15.47 -8.54 -20.06
CA ALA C 47 14.47 -7.71 -19.38
C ALA C 47 13.25 -7.43 -20.25
N THR C 48 12.14 -7.14 -19.59
CA THR C 48 10.96 -6.55 -20.23
C THR C 48 10.91 -5.10 -19.79
N ILE C 49 10.82 -4.19 -20.76
CA ILE C 49 10.95 -2.76 -20.51
C ILE C 49 9.72 -1.99 -20.98
N GLY C 50 9.29 -1.02 -20.17
CA GLY C 50 8.21 -0.13 -20.56
C GLY C 50 8.76 1.02 -21.38
N PHE C 51 8.42 1.04 -22.67
CA PHE C 51 8.90 2.07 -23.58
C PHE C 51 8.01 3.30 -23.53
N GLU C 52 8.62 4.44 -23.22
CA GLU C 52 7.90 5.67 -22.95
C GLU C 52 8.03 6.67 -24.10
N VAL C 53 7.02 7.54 -24.22
CA VAL C 53 7.01 8.58 -25.25
C VAL C 53 7.86 9.77 -24.80
N GLN C 54 8.45 10.48 -25.76
CA GLN C 54 9.31 11.63 -25.44
C GLN C 54 8.78 12.94 -26.01
N GLU C 55 7.98 12.87 -27.06
CA GLU C 55 7.36 14.05 -27.66
C GLU C 55 5.87 13.84 -27.90
N GLU C 56 5.08 14.89 -27.68
CA GLU C 56 3.62 14.83 -27.78
C GLU C 56 3.11 14.68 -29.21
N GLY C 57 1.99 13.97 -29.34
CA GLY C 57 1.35 13.72 -30.64
C GLY C 57 0.28 12.64 -30.55
N TYR C 58 0.03 11.98 -31.67
CA TYR C 58 -1.00 10.94 -31.76
C TYR C 58 -0.51 9.70 -32.50
N LEU C 59 -1.06 8.54 -32.14
CA LEU C 59 -0.73 7.27 -32.80
C LEU C 59 -1.46 7.19 -34.15
N ALA C 60 -0.71 7.12 -35.24
CA ALA C 60 -1.27 7.14 -36.59
C ALA C 60 -1.33 5.77 -37.25
N LYS C 61 -0.23 5.01 -37.17
CA LYS C 61 -0.17 3.67 -37.76
C LYS C 61 0.94 2.85 -37.12
N ILE C 62 0.66 1.58 -36.88
CA ILE C 62 1.65 0.63 -36.40
C ILE C 62 2.37 0.01 -37.59
N LEU C 63 3.71 -0.05 -37.52
CA LEU C 63 4.53 -0.62 -38.58
C LEU C 63 5.02 -2.02 -38.22
N VAL C 64 5.20 -2.28 -36.92
CA VAL C 64 5.67 -3.56 -36.43
C VAL C 64 4.64 -4.14 -35.45
N PRO C 65 3.99 -5.26 -35.82
CA PRO C 65 2.91 -5.88 -35.03
C PRO C 65 3.34 -6.42 -33.65
N GLU C 66 2.35 -6.85 -32.87
CA GLU C 66 2.57 -7.49 -31.58
C GLU C 66 3.15 -8.90 -31.75
N GLY C 67 4.04 -9.28 -30.86
CA GLY C 67 4.64 -10.61 -30.89
C GLY C 67 5.82 -10.75 -31.86
N THR C 68 6.05 -9.70 -32.65
CA THR C 68 7.14 -9.68 -33.63
C THR C 68 8.49 -9.85 -32.96
N ARG C 69 9.17 -10.95 -33.29
CA ARG C 69 10.42 -11.32 -32.64
C ARG C 69 11.64 -10.70 -33.30
N ASP C 70 12.58 -10.25 -32.45
CA ASP C 70 13.90 -9.76 -32.88
C ASP C 70 13.90 -8.69 -33.96
N VAL C 71 13.49 -7.48 -33.58
CA VAL C 71 13.51 -6.31 -34.44
C VAL C 71 14.80 -5.53 -34.13
N PRO C 72 15.63 -5.28 -35.17
CA PRO C 72 16.90 -4.56 -34.96
C PRO C 72 16.73 -3.10 -34.54
N LEU C 73 17.81 -2.49 -34.05
CA LEU C 73 17.78 -1.10 -33.58
C LEU C 73 17.66 -0.13 -34.74
N GLY C 74 17.03 1.02 -34.47
CA GLY C 74 16.83 2.05 -35.49
C GLY C 74 15.60 1.81 -36.35
N THR C 75 14.96 0.66 -36.16
CA THR C 75 13.77 0.29 -36.92
C THR C 75 12.56 1.08 -36.43
N PRO C 76 11.88 1.79 -37.35
CA PRO C 76 10.63 2.49 -37.06
C PRO C 76 9.55 1.52 -36.59
N LEU C 77 8.76 1.95 -35.61
CA LEU C 77 7.73 1.10 -35.01
C LEU C 77 6.33 1.65 -35.28
N CYS C 78 6.19 2.98 -35.25
CA CYS C 78 4.93 3.66 -35.53
C CYS C 78 5.16 5.10 -35.96
N ILE C 79 4.12 5.71 -36.55
CA ILE C 79 4.18 7.10 -36.98
C ILE C 79 3.39 7.98 -36.01
N ILE C 80 3.97 9.11 -35.63
CA ILE C 80 3.30 10.06 -34.75
C ILE C 80 3.13 11.41 -35.45
N VAL C 81 1.88 11.87 -35.52
CA VAL C 81 1.56 13.18 -36.10
C VAL C 81 1.18 14.15 -34.99
N GLU C 82 1.73 15.35 -35.03
CA GLU C 82 1.49 16.36 -33.99
C GLU C 82 0.08 16.95 -34.03
N LYS C 83 -0.62 16.77 -35.16
CA LYS C 83 -1.99 17.26 -35.33
C LYS C 83 -3.03 16.14 -35.21
N GLU C 84 -4.23 16.51 -34.77
CA GLU C 84 -5.35 15.58 -34.60
C GLU C 84 -6.00 15.19 -35.92
N ALA C 85 -5.76 15.98 -36.97
CA ALA C 85 -6.45 15.82 -38.25
C ALA C 85 -5.94 14.64 -39.09
N ASP C 86 -6.04 13.45 -38.53
CA ASP C 86 -5.71 12.21 -39.22
C ASP C 86 -6.73 11.12 -38.97
N ILE C 87 -7.45 11.24 -37.85
CA ILE C 87 -8.53 10.32 -37.49
C ILE C 87 -9.75 10.54 -38.39
N SER D 1 -0.52 48.25 -16.73
CA SER D 1 -0.57 46.87 -16.16
C SER D 1 -0.92 46.91 -14.66
N TYR D 2 -1.90 47.74 -14.31
CA TYR D 2 -2.38 47.87 -12.93
C TYR D 2 -3.77 47.23 -12.81
N PRO D 3 -3.82 45.93 -12.43
CA PRO D 3 -5.05 45.15 -12.50
C PRO D 3 -5.88 45.11 -11.19
N PRO D 4 -7.19 44.82 -11.30
CA PRO D 4 -8.00 44.42 -10.15
C PRO D 4 -7.79 42.93 -9.84
N HIS D 5 -7.18 42.65 -8.70
CA HIS D 5 -6.71 41.30 -8.33
C HIS D 5 -7.81 40.25 -8.12
N MET D 6 -7.39 39.07 -7.69
CA MET D 6 -8.29 37.97 -7.33
C MET D 6 -8.23 37.74 -5.82
N GLN D 7 -9.41 37.69 -5.20
CA GLN D 7 -9.52 37.62 -3.74
C GLN D 7 -9.97 36.25 -3.24
N VAL D 8 -9.42 35.83 -2.09
CA VAL D 8 -9.68 34.52 -1.52
C VAL D 8 -10.47 34.62 -0.21
N LEU D 9 -11.78 34.43 -0.31
CA LEU D 9 -12.70 34.57 0.82
C LEU D 9 -13.07 33.19 1.36
N LEU D 10 -13.20 33.08 2.68
CA LEU D 10 -13.53 31.80 3.32
C LEU D 10 -14.97 31.36 3.01
N PRO D 11 -15.12 30.19 2.37
CA PRO D 11 -16.43 29.66 2.01
C PRO D 11 -16.99 28.68 3.06
N ALA D 12 -18.27 28.33 2.91
CA ALA D 12 -18.88 27.27 3.71
C ALA D 12 -18.35 25.92 3.25
N LEU D 13 -17.50 25.33 4.07
CA LEU D 13 -16.94 24.01 3.82
C LEU D 13 -17.88 22.94 4.35
N SER D 14 -18.71 23.34 5.31
CA SER D 14 -19.80 22.55 5.83
C SER D 14 -21.03 23.44 5.69
N PRO D 15 -22.19 22.84 5.34
CA PRO D 15 -23.41 23.63 5.14
C PRO D 15 -23.84 24.52 6.32
N THR D 16 -23.71 24.03 7.55
CA THR D 16 -24.07 24.83 8.73
C THR D 16 -22.88 25.60 9.34
N MET D 17 -21.76 25.62 8.63
CA MET D 17 -20.56 26.31 9.07
C MET D 17 -20.73 27.82 8.96
N THR D 18 -20.55 28.52 10.08
CA THR D 18 -20.65 29.98 10.12
C THR D 18 -19.27 30.62 10.37
N MET D 19 -18.37 29.83 10.94
CA MET D 19 -16.98 30.25 11.17
C MET D 19 -16.01 29.08 11.17
N GLY D 20 -14.74 29.38 10.88
CA GLY D 20 -13.70 28.35 10.82
C GLY D 20 -12.33 28.81 11.30
N THR D 21 -11.58 27.88 11.88
CA THR D 21 -10.22 28.12 12.34
C THR D 21 -9.21 27.81 11.22
N VAL D 22 -8.40 28.81 10.87
CA VAL D 22 -7.37 28.67 9.83
C VAL D 22 -6.14 27.98 10.42
N GLN D 23 -6.09 26.66 10.24
CA GLN D 23 -5.13 25.83 10.97
C GLN D 23 -3.71 25.90 10.44
N ARG D 24 -3.54 25.68 9.14
CA ARG D 24 -2.23 25.36 8.58
C ARG D 24 -2.10 25.83 7.14
N TRP D 25 -1.31 26.87 6.93
CA TRP D 25 -1.01 27.35 5.57
C TRP D 25 -0.02 26.41 4.90
N GLU D 26 -0.47 25.75 3.84
CA GLU D 26 0.34 24.77 3.12
C GLU D 26 1.10 25.40 1.95
N LYS D 27 0.84 26.68 1.73
CA LYS D 27 1.55 27.48 0.72
C LYS D 27 2.12 28.72 1.40
N LYS D 28 3.40 28.96 1.17
CA LYS D 28 4.07 30.13 1.76
C LYS D 28 4.06 31.34 0.83
N VAL D 29 4.51 32.49 1.34
CA VAL D 29 4.48 33.77 0.63
C VAL D 29 5.37 33.75 -0.62
N GLY D 30 4.73 33.84 -1.78
CA GLY D 30 5.42 33.82 -3.06
C GLY D 30 5.53 32.42 -3.65
N GLU D 31 4.39 31.76 -3.79
CA GLU D 31 4.34 30.40 -4.35
C GLU D 31 3.40 30.26 -5.55
N LYS D 32 3.65 29.24 -6.36
CA LYS D 32 2.86 28.96 -7.56
C LYS D 32 1.53 28.34 -7.16
N LEU D 33 0.45 28.81 -7.80
CA LEU D 33 -0.88 28.29 -7.52
C LEU D 33 -1.58 27.80 -8.79
N SER D 34 -1.60 26.47 -8.96
CA SER D 34 -2.34 25.83 -10.03
C SER D 34 -3.71 25.42 -9.50
N GLU D 35 -4.73 25.55 -10.35
CA GLU D 35 -6.11 25.24 -9.97
C GLU D 35 -6.24 23.81 -9.44
N GLY D 36 -6.41 23.70 -8.12
CA GLY D 36 -6.64 22.40 -7.49
C GLY D 36 -5.73 22.02 -6.32
N ASP D 37 -4.55 22.64 -6.27
CA ASP D 37 -3.56 22.36 -5.22
C ASP D 37 -4.10 22.60 -3.80
N LEU D 38 -3.46 21.97 -2.82
CA LEU D 38 -3.77 22.23 -1.41
C LEU D 38 -3.18 23.57 -0.98
N LEU D 39 -4.06 24.52 -0.66
CA LEU D 39 -3.65 25.86 -0.25
C LEU D 39 -3.45 25.95 1.26
N ALA D 40 -4.40 25.42 2.01
CA ALA D 40 -4.36 25.46 3.47
C ALA D 40 -5.28 24.40 4.09
N GLU D 41 -5.18 24.25 5.40
CA GLU D 41 -6.03 23.35 6.16
C GLU D 41 -6.98 24.18 7.00
N ILE D 42 -8.28 24.03 6.74
CA ILE D 42 -9.31 24.76 7.50
C ILE D 42 -10.10 23.79 8.37
N GLU D 43 -10.13 24.07 9.68
CA GLU D 43 -10.77 23.20 10.65
C GLU D 43 -11.96 23.86 11.31
N THR D 44 -13.11 23.19 11.22
CA THR D 44 -14.31 23.58 11.95
C THR D 44 -14.43 22.65 13.15
N ASP D 45 -15.62 22.58 13.75
CA ASP D 45 -15.87 21.67 14.87
C ASP D 45 -16.42 20.32 14.41
CB LA2 D 46 -18.38 19.37 11.70
C LA2 D 46 -16.18 18.24 11.61
O LA2 D 46 -16.31 17.03 11.39
N LA2 D 46 -16.54 20.16 13.09
CA LA2 D 46 -17.15 18.97 12.51
O1 LA2 D 46 -23.82 18.79 14.38
C1 LA2 D 46 -23.04 17.98 14.89
NZ LA2 D 46 -21.85 17.69 14.37
CE LA2 D 46 -21.26 18.27 13.16
CD LA2 D 46 -20.02 19.01 13.63
CG LA2 D 46 -19.51 19.96 12.54
C2 LA2 D 46 -23.45 17.25 16.14
C3 LA2 D 46 -23.60 15.77 15.82
C4 LA2 D 46 -24.80 15.15 16.54
C5 LA2 D 46 -25.77 14.55 15.53
C6 LA2 D 46 -25.66 13.04 15.34
S6 LA2 D 46 -24.54 12.25 16.48
C7 LA2 D 46 -27.05 12.43 15.53
C8 LA2 D 46 -27.09 10.94 15.23
S8 LA2 D 46 -27.09 10.73 13.43
N ALA D 47 -15.21 18.98 11.07
CA ALA D 47 -14.26 18.42 10.11
C ALA D 47 -13.00 19.27 9.97
N THR D 48 -11.96 18.67 9.38
CA THR D 48 -10.77 19.38 8.96
C THR D 48 -10.69 19.23 7.44
N ILE D 49 -10.98 20.32 6.74
CA ILE D 49 -11.10 20.32 5.29
C ILE D 49 -9.88 20.94 4.63
N GLY D 50 -9.44 20.32 3.54
CA GLY D 50 -8.36 20.88 2.73
C GLY D 50 -8.89 21.85 1.71
N PHE D 51 -8.59 23.14 1.89
CA PHE D 51 -9.07 24.19 0.99
C PHE D 51 -8.23 24.28 -0.28
N GLU D 52 -8.88 24.05 -1.42
CA GLU D 52 -8.20 23.97 -2.70
C GLU D 52 -8.32 25.27 -3.52
N VAL D 53 -7.28 25.55 -4.30
CA VAL D 53 -7.22 26.74 -5.14
C VAL D 53 -8.22 26.64 -6.30
N GLN D 54 -9.02 27.68 -6.47
CA GLN D 54 -10.02 27.74 -7.54
C GLN D 54 -9.52 28.51 -8.78
N GLU D 55 -8.91 29.67 -8.56
CA GLU D 55 -8.39 30.49 -9.65
C GLU D 55 -6.87 30.57 -9.68
N GLU D 56 -6.30 30.36 -10.87
CA GLU D 56 -4.85 30.26 -11.07
C GLU D 56 -4.11 31.59 -10.91
N GLY D 57 -2.91 31.53 -10.36
CA GLY D 57 -2.08 32.71 -10.12
C GLY D 57 -0.96 32.47 -9.13
N TYR D 58 -0.68 33.48 -8.31
CA TYR D 58 0.39 33.43 -7.32
C TYR D 58 -0.01 34.10 -6.01
N LEU D 59 0.43 33.52 -4.89
CA LEU D 59 0.15 34.07 -3.57
C LEU D 59 1.16 35.17 -3.21
N ALA D 60 0.64 36.33 -2.83
CA ALA D 60 1.48 37.51 -2.56
C ALA D 60 1.52 37.93 -1.10
N LYS D 61 0.38 37.88 -0.42
CA LYS D 61 0.28 38.23 1.00
C LYS D 61 -0.79 37.40 1.70
N ILE D 62 -0.61 37.22 3.01
CA ILE D 62 -1.57 36.50 3.86
C ILE D 62 -2.17 37.43 4.91
N LEU D 63 -3.50 37.55 4.89
CA LEU D 63 -4.23 38.43 5.80
C LEU D 63 -4.52 37.75 7.15
N VAL D 64 -4.71 36.43 7.12
CA VAL D 64 -5.05 35.67 8.32
C VAL D 64 -3.99 34.61 8.62
N PRO D 65 -3.14 34.85 9.64
CA PRO D 65 -2.03 33.98 10.05
C PRO D 65 -2.45 32.57 10.52
N GLU D 66 -1.46 31.71 10.74
CA GLU D 66 -1.68 30.32 11.15
C GLU D 66 -2.10 30.23 12.62
N GLY D 67 -3.27 29.65 12.87
CA GLY D 67 -3.76 29.45 14.22
C GLY D 67 -4.84 30.43 14.65
N THR D 68 -5.33 31.21 13.70
CA THR D 68 -6.39 32.17 13.98
C THR D 68 -7.73 31.44 14.07
N ARG D 69 -8.35 31.51 15.25
CA ARG D 69 -9.58 30.79 15.55
C ARG D 69 -10.83 31.53 15.09
N ASP D 70 -11.89 30.76 14.81
CA ASP D 70 -13.23 31.28 14.48
C ASP D 70 -13.25 32.47 13.51
N VAL D 71 -12.76 32.23 12.29
CA VAL D 71 -12.84 33.20 11.22
C VAL D 71 -14.17 32.97 10.48
N PRO D 72 -15.02 34.02 10.39
CA PRO D 72 -16.36 33.89 9.78
C PRO D 72 -16.35 33.73 8.25
N LEU D 73 -17.52 33.50 7.67
CA LEU D 73 -17.67 33.31 6.22
C LEU D 73 -17.41 34.59 5.43
N GLY D 74 -16.96 34.43 4.20
CA GLY D 74 -16.71 35.54 3.28
C GLY D 74 -15.51 36.41 3.65
N THR D 75 -14.74 35.96 4.63
CA THR D 75 -13.59 36.72 5.12
C THR D 75 -12.39 36.56 4.19
N PRO D 76 -11.79 37.68 3.76
CA PRO D 76 -10.55 37.67 2.98
C PRO D 76 -9.41 37.02 3.78
N LEU D 77 -8.63 36.17 3.12
CA LEU D 77 -7.58 35.39 3.77
C LEU D 77 -6.22 35.65 3.14
N CYS D 78 -6.18 35.73 1.83
CA CYS D 78 -4.96 36.00 1.07
C CYS D 78 -5.28 36.58 -0.31
N ILE D 79 -4.24 37.06 -1.00
CA ILE D 79 -4.40 37.75 -2.28
C ILE D 79 -3.78 36.97 -3.44
N ILE D 80 -4.48 36.95 -4.58
CA ILE D 80 -4.00 36.29 -5.79
C ILE D 80 -3.88 37.29 -6.94
N VAL D 81 -2.70 37.34 -7.55
CA VAL D 81 -2.47 38.09 -8.78
C VAL D 81 -1.96 37.13 -9.86
N GLU D 82 -2.40 37.32 -11.10
CA GLU D 82 -2.03 36.43 -12.21
C GLU D 82 -0.53 36.44 -12.54
N LYS D 83 0.09 37.62 -12.42
CA LYS D 83 1.52 37.77 -12.75
C LYS D 83 2.43 37.58 -11.54
N GLU D 84 3.55 36.89 -11.75
CA GLU D 84 4.52 36.60 -10.70
C GLU D 84 5.57 37.70 -10.51
N ALA D 85 5.36 38.84 -11.15
CA ALA D 85 6.28 39.98 -11.08
C ALA D 85 6.14 40.79 -9.79
N ASP D 86 5.47 40.21 -8.80
CA ASP D 86 5.25 40.85 -7.50
C ASP D 86 6.29 40.46 -6.46
N ILE D 87 7.12 39.46 -6.78
CA ILE D 87 8.20 39.02 -5.90
C ILE D 87 9.38 39.98 -6.00
MG MG E . 16.20 -4.22 15.68
K K F . 16.57 3.32 -17.04
PG ANP G . 18.28 -2.01 15.23
O1G ANP G . 18.13 -0.96 14.16
O2G ANP G . 19.68 -2.21 15.75
O3G ANP G . 17.60 -3.29 14.82
PB ANP G . 15.65 -1.53 16.61
O1B ANP G . 15.21 -2.91 17.07
O2B ANP G . 15.10 -0.34 17.33
N3B ANP G . 17.39 -1.46 16.64
PA ANP G . 14.17 -2.26 14.28
O1A ANP G . 13.99 -1.63 12.92
O2A ANP G . 14.57 -3.71 14.40
O3A ANP G . 15.25 -1.35 15.07
O5' ANP G . 12.85 -2.02 15.16
C5' ANP G . 12.25 -0.72 15.17
C4' ANP G . 11.27 -0.66 16.34
O4' ANP G . 10.16 -1.50 16.08
C3' ANP G . 11.86 -1.23 17.61
O3' ANP G . 12.61 -0.24 18.33
C2' ANP G . 10.66 -1.76 18.37
O2' ANP G . 10.03 -0.75 19.18
C1' ANP G . 9.68 -2.13 17.27
N9 ANP G . 9.65 -3.60 17.14
C8 ANP G . 10.26 -4.33 16.19
N7 ANP G . 10.03 -5.65 16.36
C5 ANP G . 9.26 -5.79 17.45
C6 ANP G . 8.65 -6.91 18.19
N6 ANP G . 8.84 -8.19 17.79
N1 ANP G . 7.91 -6.61 19.29
C2 ANP G . 7.71 -5.34 19.71
N3 ANP G . 8.25 -4.28 19.09
C4 ANP G . 9.02 -4.43 17.97
MG MG H . -16.55 -15.48 2.26
K K I . -16.12 18.05 -1.04
PG ANP J . -18.66 -14.71 -0.15
O1G ANP J . -19.00 -13.64 -1.17
O2G ANP J . -19.81 -15.52 0.42
O3G ANP J . -17.71 -14.18 0.90
PB ANP J . -16.04 -15.97 -0.94
O1B ANP J . -15.74 -16.48 0.44
O2B ANP J . -15.48 -16.74 -2.12
N3B ANP J . -17.77 -15.92 -1.07
PA ANP J . -14.50 -13.72 -0.08
O1A ANP J . -14.61 -12.23 -0.31
O2A ANP J . -14.68 -14.25 1.32
O3A ANP J . -15.53 -14.45 -1.10
O5' ANP J . -13.09 -14.21 -0.67
C5' ANP J . -12.69 -15.54 -0.42
C4' ANP J . -11.69 -16.01 -1.47
O4' ANP J . -10.39 -15.95 -0.89
C3' ANP J . -11.95 -17.46 -1.83
O3' ANP J . -11.88 -17.59 -3.25
C2' ANP J . -10.88 -18.27 -1.14
O2' ANP J . -10.14 -19.06 -2.07
C1' ANP J . -9.93 -17.26 -0.49
N9 ANP J . -9.89 -17.37 1.01
C8 ANP J . -10.51 -16.53 1.87
N7 ANP J . -10.28 -16.88 3.16
C5 ANP J . -9.49 -17.97 3.15
C6 ANP J . -8.86 -18.84 4.16
N6 ANP J . -9.04 -18.63 5.48
N1 ANP J . -8.10 -19.86 3.72
C2 ANP J . -7.90 -20.10 2.41
N3 ANP J . -8.44 -19.34 1.43
C4 ANP J . -9.23 -18.29 1.72
#